data_7BSU
#
_entry.id   7BSU
#
_cell.length_a   1.00
_cell.length_b   1.00
_cell.length_c   1.00
_cell.angle_alpha   90.00
_cell.angle_beta   90.00
_cell.angle_gamma   90.00
#
_symmetry.space_group_name_H-M   'P 1'
#
loop_
_entity.id
_entity.type
_entity.pdbx_description
1 polymer ATP11C
2 polymer 'Cell cycle control protein 50A'
3 non-polymer 'MAGNESIUM ION'
4 non-polymer O-[(R)-{[(2R)-2,3-bis(octadecanoyloxy)propyl]oxy}(hydroxy)phosphoryl]-L-serine
5 non-polymer 2-acetamido-2-deoxy-beta-D-glucopyranose
6 non-polymer 1-deoxy-alpha-D-mannopyranose
#
loop_
_entity_poly.entity_id
_entity_poly.type
_entity_poly.pdbx_seq_one_letter_code
_entity_poly.pdbx_strand_id
1 'polypeptide(L)'
;RFCAGEEKRVGTRTVFVGNHPVSETEAYIAQRFCDNRIVSSKYTLWNFLPKNLFEQFRRIANFYFLIIFLVQVTVDTPTS
PVTSGLPLFFVITVTAIKQGYEDWLRHRADNEVNKSTVYIIENAKRVRKESEKIKVGDVVEVQADETFPCDLILLSSCTT
DGTCYVTTASLDGESNCKTHYAVRDTIALCTAESIDTLRAAIECEQPQPDLYKFVGRINIYSNSLEAVARSLGPENLLLK
GATLKNTEKIYGVAVYTGMETKMALNYQGKSQKRSAVEKSINAFLIVYLFILLTKAAVCTTLKYVWQSTPYNDEPWYNQK
TQKERETLKVLKMFTDFLSFMVLFNFIIPVSMYVTVEMQKFLGSFFISWDKDFYDEEINEGALVNTSDLNEELGQVDYVF
T(BFD)KTGTLTENSMEFIECCIDGHKYKGVTQEVDGLSQTDGTLTYFDKVDKNREELFLRALCLCHTVEIKTNDAVDGA
TESAELTYISSSPDEIALVKGAKRYGFTFLGNRNGYMRVENQRKEIEEYELLHTLNFDAVRRRMSVIVKTQEGDILLFCK
GADSAVFPRVQNHEIELTKVHVERNAMDGYRTLCVAFKEIAPDDYERINRQLIEAKMALQDREEKMEKVFDDIETNMNLI
GATAVEDKLQDQAAETIEALHAAGLKVWVLTGDKMETAKSTCYACRLFQTNTELLELTTKTIEESERKEDRLHELLIEYR
KKLLHEFPKSTRSFKKAWTEHQEYGLIIDGSTLSLILNSSQDSSSNNYKSIFLQICMKCTAVLCCRMAPLQKAQIVRMVK
NLKGSPITLSIGDGANDVSMILESHVGIGIKGKEGRQAARNSDYSVPKFKHLKKLLLAHGHLYYVRIAHLVQYFFYKNLC
FILPQFLYQFFCGFSQQPLYDAAYLTMYNICFTSLPILAYSLLEQHINIDTLTSDPRLYMKISGNAMLQLGPFLYWTFLA
AFEGTVFFFGTYFLFQTASLEENGKVYGNWTFGTIVFTVLVFTVTLKLALDTRFWTWINHFVIWGSLAFYVFFSFFWGGI
IWPFLKQQRMYFVFAQMLSSVSTWLAIILLIFISLFPEILLIVLKNVR
;
A
2 'polypeptide(L)'
;MAMNYNAKDEVDGGPPCAPGGTAKTRRPDNTAFKQQRLPAWQPILTAGTVLPIFFIIGLIFIPIGIGIFVTSNNIREIEI
DYTGTEPSSPCNKCLSPDVTPCFCTINFTLEKSFEGNVFMYYGLSNFYQNHRRYVKSRDDSQLNGDSSALLNPSKECEPY
RRNEDKPIAPCGAIMNSMFNDTLELFLIGQDSYPIPIALKKKGIAWWTDKNVKFRNPPGGDNLEERFKGTTKPVNWLKPV
YMLDSDPDNNGFINEDFIVWMRTAALPTFRKLYRLIERKSDLHPTLPAGRYWLNVTYNYPVHYFDGRKRMILSTISWMGG
KNPFLGIAYIAVGSISFLLGVVLLVINHKYRNSSNTADITI
;
C
#
loop_
_chem_comp.id
_chem_comp.type
_chem_comp.name
_chem_comp.formula
AH2 D-saccharide 1-deoxy-alpha-D-mannopyranose 'C6 H12 O5'
MG non-polymer 'MAGNESIUM ION' 'Mg 2'
NAG D-saccharide, beta linking 2-acetamido-2-deoxy-beta-D-glucopyranose 'C8 H15 N O6'
P5S non-polymer O-[(R)-{[(2R)-2,3-bis(octadecanoyloxy)propyl]oxy}(hydroxy)phosphoryl]-L-serine 'C42 H82 N O10 P'
#
# COMPACT_ATOMS: atom_id res chain seq x y z
N THR A 12 43.89 16.20 27.16
CA THR A 12 43.85 16.64 28.55
C THR A 12 43.34 18.07 28.65
N ARG A 13 42.03 18.23 28.86
CA ARG A 13 41.42 19.53 28.97
C ARG A 13 41.72 20.16 30.32
N THR A 14 41.85 21.49 30.33
CA THR A 14 42.09 22.25 31.55
C THR A 14 40.84 23.06 31.87
N VAL A 15 40.22 22.76 33.01
CA VAL A 15 39.00 23.42 33.44
C VAL A 15 39.33 24.30 34.64
N PHE A 16 38.76 25.50 34.66
CA PHE A 16 38.96 26.44 35.75
C PHE A 16 37.79 26.37 36.72
N VAL A 17 38.09 26.52 38.01
CA VAL A 17 37.10 26.22 39.04
C VAL A 17 35.89 27.14 38.92
N GLY A 18 36.11 28.45 38.97
CA GLY A 18 35.02 29.39 38.92
C GLY A 18 34.76 29.97 37.54
N ASN A 19 35.28 29.30 36.52
CA ASN A 19 35.23 29.79 35.14
C ASN A 19 35.97 31.10 34.96
N HIS A 20 36.75 31.52 35.96
CA HIS A 20 37.54 32.74 35.92
C HIS A 20 39.02 32.42 35.97
N PRO A 21 39.87 33.29 35.45
CA PRO A 21 41.30 33.02 35.43
C PRO A 21 41.90 33.03 36.84
N VAL A 22 42.98 32.27 36.99
CA VAL A 22 43.67 32.15 38.27
C VAL A 22 44.33 33.46 38.64
N GLN A 31 37.01 27.19 26.63
CA GLN A 31 35.92 27.72 25.80
C GLN A 31 35.64 26.78 24.65
N ARG A 32 36.54 25.81 24.44
CA ARG A 32 36.44 24.83 23.39
C ARG A 32 35.54 23.65 23.76
N PHE A 33 34.72 23.81 24.79
CA PHE A 33 33.93 22.71 25.36
C PHE A 33 32.52 22.71 24.81
N CYS A 34 31.91 21.54 24.83
CA CYS A 34 30.55 21.38 24.33
C CYS A 34 29.57 22.13 25.22
N ASP A 35 28.31 22.12 24.82
CA ASP A 35 27.23 22.77 25.55
C ASP A 35 26.33 21.73 26.19
N ASN A 36 25.90 21.99 27.41
CA ASN A 36 25.07 21.05 28.16
C ASN A 36 23.69 21.01 27.52
N ARG A 37 23.43 19.97 26.72
CA ARG A 37 22.15 19.82 26.06
C ARG A 37 21.91 18.35 25.77
N ILE A 38 20.63 17.98 25.71
CA ILE A 38 20.21 16.61 25.45
C ILE A 38 19.55 16.58 24.08
N VAL A 39 19.93 15.61 23.26
CA VAL A 39 19.41 15.45 21.90
C VAL A 39 18.97 14.00 21.75
N SER A 40 17.67 13.75 21.95
CA SER A 40 17.10 12.42 21.75
C SER A 40 16.36 12.30 20.43
N SER A 41 16.40 13.32 19.58
CA SER A 41 15.68 13.36 18.32
C SER A 41 16.60 12.97 17.17
N LYS A 42 16.00 12.81 15.99
CA LYS A 42 16.74 12.44 14.79
C LYS A 42 17.12 13.65 13.95
N TYR A 43 16.15 14.44 13.53
CA TYR A 43 16.36 15.54 12.61
C TYR A 43 16.53 16.86 13.35
N THR A 44 17.46 17.68 12.88
CA THR A 44 17.50 19.08 13.25
C THR A 44 16.62 19.85 12.27
N LEU A 45 16.71 21.19 12.28
CA LEU A 45 15.91 21.97 11.36
C LEU A 45 16.56 22.10 9.99
N TRP A 46 17.85 21.84 9.87
CA TRP A 46 18.57 21.97 8.60
C TRP A 46 18.65 20.67 7.83
N ASN A 47 18.99 19.56 8.50
CA ASN A 47 19.14 18.27 7.84
C ASN A 47 17.88 17.42 7.92
N PHE A 48 16.71 18.04 7.96
CA PHE A 48 15.47 17.27 7.96
C PHE A 48 15.14 16.75 6.56
N LEU A 49 15.13 17.65 5.57
CA LEU A 49 14.83 17.23 4.21
C LEU A 49 15.93 16.35 3.63
N PRO A 50 17.19 16.80 3.55
CA PRO A 50 18.25 15.92 3.05
C PRO A 50 18.29 14.56 3.73
N LYS A 51 17.84 14.47 4.98
CA LYS A 51 17.88 13.24 5.74
C LYS A 51 16.57 12.47 5.71
N ASN A 52 15.45 13.18 5.59
CA ASN A 52 14.15 12.49 5.51
C ASN A 52 13.94 11.92 4.12
N LEU A 53 14.11 12.74 3.09
CA LEU A 53 13.93 12.28 1.72
C LEU A 53 14.71 11.00 1.46
N PHE A 54 15.98 10.97 1.86
CA PHE A 54 16.78 9.76 1.69
C PHE A 54 16.12 8.56 2.34
N GLU A 55 15.44 8.78 3.46
CA GLU A 55 14.70 7.70 4.10
C GLU A 55 13.39 7.39 3.39
N GLN A 56 12.89 8.32 2.57
CA GLN A 56 11.68 8.09 1.81
C GLN A 56 11.95 7.29 0.55
N PHE A 57 13.11 7.48 -0.07
CA PHE A 57 13.44 6.80 -1.31
C PHE A 57 14.02 5.41 -1.10
N ARG A 58 14.17 4.96 0.15
CA ARG A 58 14.42 3.54 0.39
C ARG A 58 13.25 2.68 -0.04
N ARG A 59 12.13 3.29 -0.40
CA ARG A 59 10.96 2.58 -0.89
C ARG A 59 11.01 2.56 -2.42
N ILE A 60 10.97 1.35 -2.99
CA ILE A 60 11.16 1.19 -4.42
C ILE A 60 10.07 1.88 -5.24
N ALA A 61 8.99 2.30 -4.58
CA ALA A 61 7.92 2.97 -5.31
C ALA A 61 8.16 4.48 -5.40
N ASN A 62 8.81 5.07 -4.40
CA ASN A 62 9.15 6.48 -4.48
C ASN A 62 10.29 6.73 -5.45
N PHE A 63 11.11 5.71 -5.70
CA PHE A 63 12.20 5.85 -6.67
C PHE A 63 11.72 5.61 -8.09
N TYR A 64 10.87 4.60 -8.29
CA TYR A 64 10.34 4.33 -9.63
C TYR A 64 9.53 5.52 -10.14
N PHE A 65 8.72 6.12 -9.28
CA PHE A 65 7.88 7.23 -9.70
C PHE A 65 8.61 8.56 -9.73
N LEU A 66 9.86 8.61 -9.28
CA LEU A 66 10.69 9.77 -9.51
C LEU A 66 11.48 9.65 -10.81
N ILE A 67 11.67 8.43 -11.31
CA ILE A 67 12.29 8.24 -12.61
C ILE A 67 11.26 8.37 -13.72
N ILE A 68 10.07 7.80 -13.52
CA ILE A 68 9.01 7.95 -14.50
C ILE A 68 8.60 9.41 -14.64
N PHE A 69 8.85 10.21 -13.60
CA PHE A 69 8.54 11.63 -13.69
C PHE A 69 9.69 12.43 -14.29
N LEU A 70 10.92 11.94 -14.16
CA LEU A 70 12.06 12.66 -14.72
C LEU A 70 12.20 12.42 -16.22
N VAL A 71 11.77 11.26 -16.71
CA VAL A 71 11.79 11.02 -18.15
C VAL A 71 10.67 11.78 -18.83
N GLN A 72 9.54 11.95 -18.14
CA GLN A 72 8.41 12.68 -18.70
C GLN A 72 8.62 14.19 -18.75
N VAL A 73 9.71 14.69 -18.17
CA VAL A 73 10.01 16.12 -18.17
C VAL A 73 11.17 16.47 -19.10
N THR A 74 11.88 15.48 -19.65
CA THR A 74 12.95 15.73 -20.61
C THR A 74 12.60 15.34 -22.03
N VAL A 75 11.74 14.35 -22.21
CA VAL A 75 11.26 13.97 -23.52
C VAL A 75 9.84 14.50 -23.70
N ASP A 76 9.35 14.48 -24.93
CA ASP A 76 7.98 14.87 -25.23
C ASP A 76 7.15 13.61 -25.41
N THR A 77 6.22 13.38 -24.49
CA THR A 77 5.42 12.16 -24.46
C THR A 77 3.94 12.50 -24.55
N PRO A 78 3.12 11.59 -25.08
CA PRO A 78 1.67 11.82 -25.10
C PRO A 78 1.03 11.91 -23.72
N THR A 79 1.82 11.83 -22.66
CA THR A 79 1.33 11.96 -21.29
C THR A 79 2.02 13.12 -20.60
N SER A 80 1.32 13.73 -19.63
CA SER A 80 1.84 14.91 -18.95
C SER A 80 2.57 14.49 -17.66
N PRO A 81 3.58 15.27 -17.26
CA PRO A 81 4.31 14.95 -16.03
C PRO A 81 3.46 15.04 -14.76
N VAL A 82 2.17 15.36 -14.88
CA VAL A 82 1.31 15.46 -13.70
C VAL A 82 0.68 14.12 -13.33
N THR A 83 0.80 13.11 -14.19
CA THR A 83 0.26 11.79 -13.86
C THR A 83 1.12 11.08 -12.82
N SER A 84 2.42 11.37 -12.80
CA SER A 84 3.35 10.77 -11.85
C SER A 84 3.82 11.74 -10.77
N GLY A 85 4.01 13.02 -11.11
CA GLY A 85 4.49 13.97 -10.12
C GLY A 85 3.46 14.27 -9.05
N LEU A 86 2.20 14.37 -9.44
CA LEU A 86 1.15 14.71 -8.46
C LEU A 86 1.04 13.67 -7.36
N PRO A 87 0.91 12.37 -7.65
CA PRO A 87 0.89 11.38 -6.56
C PRO A 87 2.19 11.36 -5.77
N LEU A 88 3.33 11.33 -6.45
CA LEU A 88 4.61 11.27 -5.76
C LEU A 88 4.77 12.42 -4.78
N PHE A 89 4.54 13.65 -5.23
CA PHE A 89 4.70 14.80 -4.35
C PHE A 89 3.60 14.93 -3.33
N PHE A 90 2.73 13.94 -3.23
CA PHE A 90 1.74 13.86 -2.17
C PHE A 90 2.06 12.77 -1.15
N VAL A 91 2.65 11.67 -1.60
CA VAL A 91 3.09 10.63 -0.67
C VAL A 91 4.35 11.08 0.07
N ILE A 92 5.15 11.94 -0.54
CA ILE A 92 6.40 12.38 0.08
C ILE A 92 6.18 13.50 1.09
N THR A 93 5.10 14.27 0.95
CA THR A 93 4.77 15.31 1.90
C THR A 93 3.75 14.88 2.94
N VAL A 94 3.19 13.69 2.81
CA VAL A 94 2.32 13.13 3.84
C VAL A 94 3.13 12.33 4.84
N THR A 95 4.11 11.57 4.38
CA THR A 95 5.03 10.85 5.25
C THR A 95 6.18 11.73 5.74
N ALA A 96 6.17 13.02 5.40
CA ALA A 96 7.14 13.96 5.93
C ALA A 96 6.53 14.92 6.94
N ILE A 97 5.20 15.07 6.93
CA ILE A 97 4.53 15.82 7.99
C ILE A 97 4.36 14.95 9.22
N LYS A 98 4.30 13.63 9.04
CA LYS A 98 4.16 12.72 10.17
C LYS A 98 5.53 12.39 10.78
N GLN A 99 6.53 12.15 9.94
CA GLN A 99 7.87 11.90 10.45
C GLN A 99 8.49 13.16 11.05
N GLY A 100 8.05 14.33 10.59
CA GLY A 100 8.55 15.57 11.16
C GLY A 100 7.75 16.06 12.34
N TYR A 101 6.50 15.61 12.46
CA TYR A 101 5.70 15.91 13.65
C TYR A 101 6.02 14.96 14.78
N GLU A 102 6.09 13.65 14.49
CA GLU A 102 6.46 12.68 15.51
C GLU A 102 7.83 12.97 16.08
N ASP A 103 8.71 13.62 15.30
CA ASP A 103 10.03 13.99 15.79
C ASP A 103 10.08 15.40 16.36
N TRP A 104 9.03 16.20 16.17
CA TRP A 104 8.94 17.46 16.88
C TRP A 104 8.55 17.24 18.34
N LEU A 105 7.76 16.20 18.61
CA LEU A 105 7.45 15.86 19.99
C LEU A 105 8.70 15.39 20.73
N ARG A 106 9.63 14.75 20.03
CA ARG A 106 10.91 14.41 20.64
C ARG A 106 11.79 15.62 20.84
N HIS A 107 11.47 16.76 20.21
CA HIS A 107 12.14 18.01 20.52
C HIS A 107 11.52 18.69 21.73
N ARG A 108 10.31 18.30 22.12
CA ARG A 108 9.66 18.85 23.30
C ARG A 108 9.96 18.04 24.55
N ALA A 109 10.14 16.73 24.42
CA ALA A 109 10.57 15.93 25.56
C ALA A 109 11.92 16.41 26.07
N ASP A 110 12.84 16.73 25.15
CA ASP A 110 14.13 17.28 25.54
C ASP A 110 14.04 18.75 25.93
N ASN A 111 12.90 19.39 25.68
CA ASN A 111 12.73 20.78 26.11
C ASN A 111 12.30 20.87 27.56
N GLU A 112 11.55 19.88 28.05
CA GLU A 112 11.16 19.84 29.45
C GLU A 112 12.24 19.29 30.36
N VAL A 113 13.42 18.99 29.81
CA VAL A 113 14.56 18.53 30.59
C VAL A 113 15.73 19.51 30.48
N ASN A 114 15.99 20.01 29.28
CA ASN A 114 17.03 21.03 29.10
C ASN A 114 16.62 22.33 29.78
N LYS A 115 15.38 22.77 29.55
CA LYS A 115 14.89 23.98 30.18
C LYS A 115 14.42 23.68 31.61
N SER A 116 15.27 23.05 32.39
CA SER A 116 14.99 22.75 33.78
C SER A 116 15.66 23.81 34.66
N THR A 117 15.61 23.59 35.98
CA THR A 117 16.17 24.52 36.95
C THR A 117 17.33 23.86 37.68
N VAL A 118 18.49 24.51 37.65
CA VAL A 118 19.64 24.07 38.43
C VAL A 118 20.39 25.32 38.90
N TYR A 119 20.60 25.43 40.21
CA TYR A 119 21.21 26.62 40.75
C TYR A 119 22.72 26.58 40.56
N ILE A 120 23.35 27.74 40.73
CA ILE A 120 24.77 27.90 40.45
C ILE A 120 25.31 29.05 41.27
N ILE A 121 26.54 28.91 41.74
CA ILE A 121 27.21 29.99 42.48
C ILE A 121 27.94 30.82 41.44
N GLU A 122 27.20 31.76 40.84
CA GLU A 122 27.75 32.55 39.74
C GLU A 122 28.77 33.57 40.23
N ASN A 123 28.33 34.52 41.05
CA ASN A 123 29.23 35.51 41.63
C ASN A 123 28.66 35.90 43.00
N ALA A 124 29.12 35.21 44.05
CA ALA A 124 28.65 35.45 45.41
C ALA A 124 27.12 35.52 45.47
N LYS A 125 26.45 34.78 44.58
CA LYS A 125 25.01 34.83 44.49
C LYS A 125 24.52 33.52 43.86
N ARG A 126 23.46 32.95 44.44
CA ARG A 126 22.93 31.67 44.00
C ARG A 126 22.03 31.87 42.78
N VAL A 127 22.67 32.09 41.63
CA VAL A 127 21.92 32.18 40.39
C VAL A 127 21.24 30.85 40.10
N ARG A 128 20.19 30.89 39.27
CA ARG A 128 19.43 29.69 38.90
C ARG A 128 19.29 29.68 37.37
N LYS A 129 20.25 29.07 36.71
CA LYS A 129 20.21 28.91 35.26
C LYS A 129 19.32 27.73 34.90
N GLU A 130 19.36 27.31 33.63
CA GLU A 130 18.68 26.12 33.18
C GLU A 130 19.68 24.97 33.05
N SER A 131 19.15 23.76 32.96
CA SER A 131 19.99 22.57 32.92
C SER A 131 20.70 22.45 31.58
N GLU A 132 20.57 23.46 30.72
CA GLU A 132 21.23 23.47 29.42
C GLU A 132 22.17 24.66 29.24
N LYS A 133 22.24 25.57 30.22
CA LYS A 133 23.12 26.72 30.16
C LYS A 133 24.31 26.59 31.10
N ILE A 134 24.67 25.37 31.47
CA ILE A 134 25.80 25.11 32.36
C ILE A 134 27.07 24.96 31.52
N LYS A 135 28.10 25.71 31.89
CA LYS A 135 29.38 25.67 31.19
C LYS A 135 30.42 24.96 32.05
N VAL A 136 31.36 24.31 31.37
CA VAL A 136 32.41 23.59 32.09
C VAL A 136 33.18 24.57 32.96
N GLY A 137 33.11 24.37 34.28
CA GLY A 137 33.89 25.18 35.20
C GLY A 137 33.08 26.12 36.06
N ASP A 138 31.82 25.81 36.30
CA ASP A 138 30.98 26.61 37.18
C ASP A 138 30.46 25.72 38.31
N VAL A 139 30.49 26.25 39.53
CA VAL A 139 30.19 25.44 40.71
C VAL A 139 28.69 25.21 40.81
N VAL A 140 28.24 24.05 40.34
CA VAL A 140 26.84 23.65 40.46
C VAL A 140 26.58 23.25 41.90
N GLU A 141 25.31 23.11 42.27
CA GLU A 141 24.92 22.63 43.59
C GLU A 141 23.68 21.78 43.45
N VAL A 142 23.66 20.64 44.14
CA VAL A 142 22.57 19.67 44.04
C VAL A 142 22.00 19.41 45.42
N GLN A 143 20.70 19.14 45.47
CA GLN A 143 20.01 18.83 46.71
C GLN A 143 19.64 17.35 46.75
N ALA A 144 19.39 16.87 47.97
CA ALA A 144 19.06 15.45 48.17
C ALA A 144 18.00 15.00 47.17
N ASP A 145 18.22 13.82 46.60
CA ASP A 145 17.33 13.20 45.63
C ASP A 145 17.39 13.87 44.26
N GLU A 146 18.18 14.92 44.10
CA GLU A 146 18.35 15.58 42.82
C GLU A 146 19.47 14.89 42.05
N THR A 147 19.16 14.44 40.84
CA THR A 147 20.20 13.88 39.99
C THR A 147 21.14 14.98 39.50
N PHE A 148 22.33 14.58 39.10
CA PHE A 148 23.30 15.58 38.66
C PHE A 148 23.05 15.96 37.22
N PRO A 149 23.19 17.24 36.87
CA PRO A 149 22.97 17.66 35.48
C PRO A 149 24.13 17.32 34.57
N CYS A 150 25.35 17.36 35.10
CA CYS A 150 26.55 17.05 34.33
C CYS A 150 27.52 16.28 35.22
N ASP A 151 28.68 15.95 34.67
CA ASP A 151 29.69 15.18 35.39
C ASP A 151 30.43 16.11 36.34
N LEU A 152 29.85 16.31 37.53
CA LEU A 152 30.44 17.20 38.52
C LEU A 152 31.77 16.64 39.02
N ILE A 153 32.43 17.42 39.86
CA ILE A 153 33.60 16.98 40.60
C ILE A 153 33.47 17.51 42.02
N LEU A 154 33.03 16.64 42.94
CA LEU A 154 32.70 17.05 44.29
C LEU A 154 33.79 17.92 44.90
N LEU A 155 33.43 19.15 45.24
CA LEU A 155 34.34 20.08 45.90
C LEU A 155 34.10 20.20 47.39
N SER A 156 32.88 19.98 47.84
CA SER A 156 32.56 20.05 49.26
C SER A 156 31.15 19.55 49.47
N SER A 157 30.91 19.02 50.67
CA SER A 157 29.58 18.58 51.07
C SER A 157 29.15 19.37 52.30
N CYS A 158 27.84 19.56 52.44
CA CYS A 158 27.31 20.30 53.58
C CYS A 158 27.92 19.82 54.88
N THR A 159 27.72 18.54 55.20
CA THR A 159 28.34 17.96 56.38
C THR A 159 29.86 17.98 56.25
N THR A 160 30.53 17.68 57.36
CA THR A 160 31.96 17.50 57.35
C THR A 160 32.27 16.14 56.71
N ASP A 161 33.54 15.73 56.72
CA ASP A 161 34.01 14.48 56.14
C ASP A 161 33.96 14.50 54.62
N GLY A 162 33.47 15.57 53.99
CA GLY A 162 33.42 15.70 52.55
C GLY A 162 33.05 14.43 51.81
N THR A 163 31.93 13.82 52.19
CA THR A 163 31.50 12.57 51.59
C THR A 163 30.01 12.62 51.31
N CYS A 164 29.62 12.16 50.13
CA CYS A 164 28.23 12.10 49.72
C CYS A 164 27.90 10.70 49.23
N TYR A 165 26.63 10.32 49.33
CA TYR A 165 26.16 9.00 48.95
C TYR A 165 25.36 9.11 47.66
N VAL A 166 25.85 8.45 46.62
CA VAL A 166 25.23 8.45 45.31
C VAL A 166 24.81 7.03 44.94
N THR A 167 23.70 6.92 44.23
CA THR A 167 23.19 5.63 43.77
C THR A 167 23.03 5.67 42.27
N THR A 168 23.93 5.01 41.55
CA THR A 168 23.89 4.96 40.09
C THR A 168 23.11 3.75 39.60
N ALA A 169 21.87 3.59 40.08
CA ALA A 169 21.06 2.46 39.68
C ALA A 169 20.64 2.51 38.22
N SER A 170 20.77 3.68 37.59
CA SER A 170 20.41 3.85 36.19
C SER A 170 21.61 3.91 35.26
N LEU A 171 22.81 4.14 35.79
CA LEU A 171 24.00 4.21 34.94
C LEU A 171 24.62 2.84 34.74
N ASP A 172 24.69 2.02 35.79
CA ASP A 172 25.32 0.71 35.67
C ASP A 172 24.52 -0.37 36.40
N GLY A 173 23.21 -0.21 36.51
CA GLY A 173 22.36 -1.25 37.04
C GLY A 173 22.56 -1.55 38.51
N GLU A 174 23.62 -1.02 39.12
CA GLU A 174 23.90 -1.27 40.52
C GLU A 174 22.94 -0.45 41.38
N SER A 175 22.26 -1.12 42.30
CA SER A 175 21.23 -0.49 43.11
C SER A 175 21.73 0.04 44.45
N ASN A 176 22.90 -0.40 44.91
CA ASN A 176 23.40 0.03 46.20
C ASN A 176 23.83 1.49 46.15
N CYS A 177 24.12 2.03 47.33
CA CYS A 177 24.55 3.42 47.46
C CYS A 177 26.07 3.47 47.45
N LYS A 178 26.64 4.21 46.51
CA LYS A 178 28.07 4.46 46.47
C LYS A 178 28.40 5.69 47.29
N THR A 179 29.63 5.75 47.78
CA THR A 179 30.09 6.84 48.62
C THR A 179 31.29 7.51 47.96
N HIS A 180 31.13 8.76 47.59
CA HIS A 180 32.19 9.55 46.97
C HIS A 180 32.79 10.51 47.99
N TYR A 181 33.98 10.99 47.70
CA TYR A 181 34.71 11.86 48.60
C TYR A 181 34.79 13.27 48.02
N ALA A 182 34.97 14.24 48.90
CA ALA A 182 35.16 15.62 48.50
C ALA A 182 36.65 15.85 48.20
N VAL A 183 37.03 17.11 48.03
CA VAL A 183 38.43 17.49 47.85
C VAL A 183 38.89 18.13 49.15
N ARG A 184 39.80 17.46 49.85
CA ARG A 184 40.21 17.89 51.18
C ARG A 184 40.55 19.38 51.25
N ASP A 185 40.93 19.98 50.13
CA ASP A 185 41.29 21.39 50.15
C ASP A 185 40.08 22.31 50.25
N THR A 186 38.89 21.83 49.94
CA THR A 186 37.70 22.66 49.91
C THR A 186 36.52 22.08 50.69
N ILE A 187 36.76 21.14 51.60
CA ILE A 187 35.66 20.56 52.36
C ILE A 187 34.95 21.62 53.19
N ALA A 188 35.66 22.69 53.56
CA ALA A 188 35.12 23.73 54.42
C ALA A 188 34.53 24.91 53.64
N LEU A 189 34.24 24.73 52.36
CA LEU A 189 33.72 25.82 51.54
C LEU A 189 32.23 25.64 51.33
N CYS A 190 31.45 26.63 51.77
CA CYS A 190 29.99 26.60 51.63
C CYS A 190 29.47 28.02 51.66
N THR A 191 28.16 28.17 51.71
CA THR A 191 27.48 29.46 51.84
C THR A 191 27.51 30.27 50.55
N ALA A 192 28.22 29.78 49.54
CA ALA A 192 28.24 30.42 48.23
C ALA A 192 29.06 31.71 48.26
N GLU A 193 29.52 32.11 49.44
CA GLU A 193 30.39 33.28 49.57
C GLU A 193 31.86 32.92 49.69
N SER A 194 32.17 31.72 50.20
CA SER A 194 33.54 31.24 50.21
C SER A 194 33.90 30.58 48.89
N ILE A 195 32.95 29.91 48.26
CA ILE A 195 33.14 29.29 46.96
C ILE A 195 33.68 30.33 45.98
N ASP A 196 33.34 31.59 46.21
CA ASP A 196 33.87 32.68 45.39
C ASP A 196 35.36 32.87 45.58
N THR A 197 35.89 32.54 46.75
CA THR A 197 37.33 32.62 47.02
C THR A 197 37.98 31.26 46.82
N LEU A 198 37.92 30.79 45.57
CA LEU A 198 38.47 29.49 45.22
C LEU A 198 39.10 29.59 43.85
N ARG A 199 40.43 29.54 43.80
CA ARG A 199 41.19 29.62 42.55
C ARG A 199 41.89 28.29 42.33
N ALA A 200 41.31 27.46 41.46
CA ALA A 200 41.86 26.14 41.17
C ALA A 200 41.83 25.90 39.67
N ALA A 201 42.67 24.97 39.22
CA ALA A 201 42.73 24.56 37.83
C ALA A 201 42.63 23.05 37.77
N ILE A 202 41.63 22.55 37.04
CA ILE A 202 41.34 21.12 36.97
C ILE A 202 41.79 20.62 35.60
N GLU A 203 42.84 19.80 35.60
CA GLU A 203 43.30 19.14 34.37
C GLU A 203 42.73 17.73 34.36
N CYS A 204 41.75 17.50 33.51
CA CYS A 204 41.06 16.21 33.43
C CYS A 204 41.51 15.45 32.18
N GLU A 205 40.97 14.25 32.04
CA GLU A 205 41.20 13.45 30.84
C GLU A 205 40.05 13.66 29.87
N GLN A 206 40.39 13.64 28.57
CA GLN A 206 39.36 13.84 27.56
C GLN A 206 38.22 12.83 27.79
N PRO A 207 36.98 13.26 27.64
CA PRO A 207 35.85 12.39 28.02
C PRO A 207 35.95 11.02 27.38
N GLN A 208 35.77 9.99 28.20
CA GLN A 208 35.83 8.59 27.79
C GLN A 208 34.60 7.87 28.29
N PRO A 209 34.26 6.72 27.70
CA PRO A 209 33.08 5.97 28.12
C PRO A 209 33.34 4.90 29.16
N ASP A 210 34.54 4.84 29.75
CA ASP A 210 34.89 3.73 30.62
C ASP A 210 33.91 3.60 31.78
N LEU A 211 33.46 4.73 32.34
CA LEU A 211 32.48 4.83 33.40
C LEU A 211 33.05 4.49 34.76
N TYR A 212 34.30 4.02 34.86
CA TYR A 212 34.90 3.69 36.15
C TYR A 212 36.31 4.21 36.32
N LYS A 213 36.93 4.78 35.29
CA LYS A 213 38.27 5.33 35.37
C LYS A 213 38.21 6.85 35.24
N PHE A 214 39.22 7.51 35.82
CA PHE A 214 39.29 8.96 35.76
C PHE A 214 40.66 9.38 36.29
N VAL A 215 41.22 10.42 35.67
CA VAL A 215 42.52 10.95 36.06
C VAL A 215 42.48 12.46 35.89
N GLY A 216 42.77 13.19 36.97
CA GLY A 216 42.75 14.63 36.91
C GLY A 216 43.77 15.27 37.84
N ARG A 217 43.54 16.51 38.21
CA ARG A 217 44.47 17.22 39.09
C ARG A 217 43.83 18.54 39.51
N ILE A 218 44.06 18.93 40.75
CA ILE A 218 43.63 20.21 41.29
C ILE A 218 44.84 20.92 41.86
N ASN A 219 44.99 22.20 41.54
CA ASN A 219 46.17 22.98 41.89
C ASN A 219 45.75 24.31 42.52
N ILE A 220 44.86 24.24 43.51
CA ILE A 220 44.32 25.42 44.17
C ILE A 220 45.45 26.41 44.44
N TYR A 221 45.27 27.66 44.00
CA TYR A 221 46.30 28.68 44.08
C TYR A 221 46.01 29.61 45.24
N SER A 222 46.90 29.62 46.23
CA SER A 222 46.75 30.51 47.36
C SER A 222 47.27 31.91 47.01
N ASN A 223 47.05 32.85 47.93
CA ASN A 223 47.41 34.25 47.66
C ASN A 223 48.91 34.38 47.38
N SER A 224 49.75 33.77 48.21
CA SER A 224 51.19 33.92 48.06
C SER A 224 51.80 32.82 47.20
N LEU A 225 51.66 31.56 47.63
CA LEU A 225 52.19 30.44 46.87
C LEU A 225 51.65 29.13 47.41
N GLU A 226 51.07 28.31 46.54
CA GLU A 226 50.54 27.01 46.95
C GLU A 226 50.44 26.11 45.73
N ALA A 227 51.26 25.05 45.70
CA ALA A 227 51.25 24.08 44.62
C ALA A 227 50.56 22.78 45.02
N VAL A 228 49.64 22.87 45.99
CA VAL A 228 48.92 21.68 46.44
C VAL A 228 48.20 21.07 45.26
N ALA A 229 48.56 19.84 44.91
CA ALA A 229 47.98 19.12 43.77
C ALA A 229 47.41 17.80 44.27
N ARG A 230 46.15 17.85 44.72
CA ARG A 230 45.44 16.66 45.16
C ARG A 230 44.87 15.97 43.92
N SER A 231 45.59 14.98 43.41
CA SER A 231 45.16 14.29 42.20
C SER A 231 43.75 13.74 42.38
N LEU A 232 42.95 13.85 41.33
CA LEU A 232 41.57 13.40 41.36
C LEU A 232 41.51 11.89 41.11
N GLY A 233 40.29 11.38 41.02
CA GLY A 233 40.06 9.97 40.77
C GLY A 233 38.60 9.68 40.51
N PRO A 234 38.25 8.41 40.35
CA PRO A 234 36.84 8.05 40.16
C PRO A 234 36.03 8.14 41.44
N GLU A 235 36.68 8.34 42.59
CA GLU A 235 35.97 8.52 43.85
C GLU A 235 35.45 9.95 44.03
N ASN A 236 35.95 10.90 43.25
CA ASN A 236 35.49 12.28 43.32
C ASN A 236 34.47 12.63 42.25
N LEU A 237 34.61 12.09 41.06
CA LEU A 237 33.70 12.42 39.96
C LEU A 237 32.28 11.95 40.29
N LEU A 238 31.33 12.86 40.15
CA LEU A 238 29.91 12.57 40.35
C LEU A 238 29.25 12.56 38.97
N LEU A 239 28.97 11.37 38.46
CA LEU A 239 28.49 11.22 37.09
C LEU A 239 27.14 11.89 36.89
N LYS A 240 26.65 11.90 35.66
CA LYS A 240 25.37 12.51 35.33
C LYS A 240 24.33 11.40 35.17
N GLY A 241 23.18 11.59 35.81
CA GLY A 241 22.16 10.57 35.87
C GLY A 241 22.17 9.73 37.12
N ALA A 242 23.13 9.96 38.02
CA ALA A 242 23.21 9.26 39.29
C ALA A 242 22.58 10.13 40.37
N THR A 243 21.54 9.61 41.01
CA THR A 243 20.85 10.37 42.04
C THR A 243 21.74 10.56 43.26
N LEU A 244 21.54 11.68 43.95
CA LEU A 244 22.28 11.99 45.17
C LEU A 244 21.36 11.73 46.36
N LYS A 245 21.66 10.68 47.12
CA LYS A 245 20.83 10.24 48.23
C LYS A 245 21.47 10.59 49.56
N ASN A 246 20.63 10.78 50.57
CA ASN A 246 21.05 10.93 51.96
C ASN A 246 22.16 11.97 52.09
N THR A 247 21.82 13.21 51.76
CA THR A 247 22.73 14.33 51.92
C THR A 247 21.97 15.62 51.68
N GLU A 248 22.31 16.66 52.45
CA GLU A 248 21.63 17.94 52.31
C GLU A 248 21.88 18.54 50.93
N LYS A 249 23.14 18.80 50.60
CA LYS A 249 23.50 19.32 49.28
C LYS A 249 25.01 19.18 49.10
N ILE A 250 25.47 19.52 47.90
CA ILE A 250 26.88 19.43 47.55
C ILE A 250 27.25 20.65 46.71
N TYR A 251 28.53 20.71 46.31
CA TYR A 251 29.03 21.80 45.48
C TYR A 251 30.01 21.21 44.46
N GLY A 252 29.49 20.85 43.30
CA GLY A 252 30.32 20.33 42.24
C GLY A 252 30.87 21.42 41.33
N VAL A 253 31.78 21.02 40.47
CA VAL A 253 32.37 21.91 39.46
C VAL A 253 32.30 21.17 38.14
N ALA A 254 31.29 21.48 37.34
CA ALA A 254 31.06 20.79 36.07
C ALA A 254 32.36 20.65 35.29
N VAL A 255 32.59 19.44 34.78
CA VAL A 255 33.78 19.12 33.99
C VAL A 255 33.40 18.62 32.60
N TYR A 256 32.45 17.68 32.54
CA TYR A 256 31.87 17.24 31.28
C TYR A 256 30.43 17.74 31.21
N THR A 257 30.01 18.19 30.03
CA THR A 257 28.82 19.03 29.91
C THR A 257 27.91 18.54 28.80
N GLY A 258 27.59 17.25 28.78
CA GLY A 258 26.54 16.78 27.90
C GLY A 258 27.02 16.42 26.51
N MET A 259 26.74 15.20 26.08
CA MET A 259 27.22 14.69 24.80
C MET A 259 28.72 14.40 24.89
N GLU A 260 29.31 14.80 26.01
CA GLU A 260 30.66 14.39 26.39
C GLU A 260 30.69 13.67 27.73
N THR A 261 29.64 13.81 28.54
CA THR A 261 29.56 13.08 29.80
C THR A 261 29.72 11.59 29.56
N LYS A 262 30.24 10.89 30.57
CA LYS A 262 30.40 9.45 30.45
C LYS A 262 29.07 8.74 30.23
N MET A 263 27.96 9.35 30.64
CA MET A 263 26.65 8.75 30.38
C MET A 263 26.28 8.88 28.91
N ALA A 264 26.61 10.00 28.28
CA ALA A 264 26.25 10.24 26.90
C ALA A 264 27.27 9.74 25.89
N LEU A 265 28.40 9.22 26.37
CA LEU A 265 29.36 8.57 25.49
C LEU A 265 29.08 7.09 25.32
N ASN A 266 28.14 6.53 26.08
CA ASN A 266 27.72 5.15 25.93
C ASN A 266 26.44 5.03 25.11
N TYR A 267 25.99 6.10 24.48
CA TYR A 267 24.93 6.04 23.48
C TYR A 267 25.58 5.76 22.13
N GLN A 268 24.97 4.87 21.36
CA GLN A 268 25.63 4.36 20.17
C GLN A 268 25.33 5.17 18.92
N GLY A 269 24.18 5.81 18.84
CA GLY A 269 23.85 6.61 17.67
C GLY A 269 22.62 6.13 16.95
N LYS A 270 21.65 7.03 16.80
CA LYS A 270 20.38 6.65 16.17
C LYS A 270 20.62 6.12 14.76
N SER A 271 19.74 5.21 14.34
CA SER A 271 19.78 4.67 12.99
C SER A 271 18.38 4.72 12.38
N GLN A 272 18.21 4.10 11.21
CA GLN A 272 16.93 4.05 10.53
C GLN A 272 16.31 2.68 10.80
N LYS A 273 15.20 2.67 11.52
CA LYS A 273 14.49 1.44 11.84
C LYS A 273 13.31 1.28 10.88
N ARG A 274 13.24 0.14 10.21
CA ARG A 274 12.13 -0.18 9.33
C ARG A 274 11.65 -1.59 9.63
N SER A 275 10.34 -1.75 9.78
CA SER A 275 9.77 -3.02 10.19
C SER A 275 10.01 -4.08 9.12
N ALA A 276 9.58 -5.31 9.43
CA ALA A 276 9.67 -6.40 8.46
C ALA A 276 8.58 -6.33 7.41
N VAL A 277 7.56 -5.49 7.60
CA VAL A 277 6.56 -5.28 6.56
C VAL A 277 6.99 -4.20 5.58
N GLU A 278 7.80 -3.23 6.02
CA GLU A 278 8.35 -2.26 5.10
C GLU A 278 9.44 -2.86 4.23
N LYS A 279 9.98 -4.02 4.62
CA LYS A 279 10.92 -4.74 3.78
C LYS A 279 10.23 -5.74 2.86
N SER A 280 8.98 -6.10 3.15
CA SER A 280 8.21 -6.94 2.25
C SER A 280 7.54 -6.12 1.15
N ILE A 281 7.09 -4.91 1.48
CA ILE A 281 6.55 -4.02 0.45
C ILE A 281 7.57 -3.75 -0.64
N ASN A 282 8.86 -4.02 -0.38
CA ASN A 282 9.90 -3.87 -1.37
C ASN A 282 10.21 -5.17 -2.10
N ALA A 283 9.91 -6.32 -1.50
CA ALA A 283 9.99 -7.57 -2.22
C ALA A 283 8.76 -7.82 -3.07
N PHE A 284 7.62 -7.21 -2.72
CA PHE A 284 6.45 -7.23 -3.58
C PHE A 284 6.56 -6.21 -4.70
N LEU A 285 7.27 -5.11 -4.46
CA LEU A 285 7.46 -4.07 -5.45
C LEU A 285 8.57 -4.40 -6.44
N ILE A 286 9.18 -5.58 -6.35
CA ILE A 286 10.24 -5.96 -7.27
C ILE A 286 9.75 -7.07 -8.17
N VAL A 287 8.71 -7.81 -7.72
CA VAL A 287 8.05 -8.75 -8.61
C VAL A 287 6.91 -8.11 -9.38
N TYR A 288 6.43 -6.94 -8.94
CA TYR A 288 5.51 -6.14 -9.72
C TYR A 288 6.21 -5.12 -10.60
N LEU A 289 7.53 -4.98 -10.46
CA LEU A 289 8.33 -4.22 -11.42
C LEU A 289 8.78 -5.07 -12.59
N PHE A 290 8.73 -6.39 -12.46
CA PHE A 290 8.95 -7.30 -13.57
C PHE A 290 7.64 -7.74 -14.21
N ILE A 291 6.52 -7.65 -13.49
CA ILE A 291 5.21 -7.83 -14.09
C ILE A 291 4.81 -6.61 -14.91
N LEU A 292 5.43 -5.45 -14.65
CA LEU A 292 5.12 -4.23 -15.38
C LEU A 292 6.06 -4.00 -16.55
N LEU A 293 7.30 -4.47 -16.45
CA LEU A 293 8.23 -4.41 -17.57
C LEU A 293 8.10 -5.60 -18.51
N THR A 294 7.27 -6.58 -18.15
CA THR A 294 6.89 -7.65 -19.07
C THR A 294 5.55 -7.39 -19.75
N LYS A 295 4.68 -6.60 -19.13
CA LYS A 295 3.50 -6.10 -19.83
C LYS A 295 3.90 -5.06 -20.88
N ALA A 296 4.61 -4.02 -20.46
CA ALA A 296 5.01 -2.97 -21.38
C ALA A 296 5.96 -3.47 -22.46
N ALA A 297 6.66 -4.57 -22.22
CA ALA A 297 7.59 -5.11 -23.21
C ALA A 297 6.98 -6.20 -24.08
N VAL A 298 5.93 -6.87 -23.59
CA VAL A 298 5.18 -7.80 -24.43
C VAL A 298 4.19 -7.07 -25.32
N CYS A 299 3.81 -5.84 -24.96
CA CYS A 299 2.90 -5.05 -25.77
C CYS A 299 3.62 -4.20 -26.82
N THR A 300 4.91 -3.94 -26.64
CA THR A 300 5.68 -3.24 -27.65
C THR A 300 6.38 -4.20 -28.62
N THR A 301 6.81 -5.37 -28.14
CA THR A 301 7.28 -6.40 -29.04
C THR A 301 6.18 -6.83 -30.01
N LEU A 302 4.92 -6.76 -29.57
CA LEU A 302 3.79 -7.14 -30.41
C LEU A 302 3.19 -5.96 -31.16
N LYS A 303 3.27 -4.75 -30.59
CA LYS A 303 2.71 -3.59 -31.26
C LYS A 303 3.47 -3.24 -32.54
N TYR A 304 4.69 -3.75 -32.71
CA TYR A 304 5.47 -3.44 -33.89
C TYR A 304 5.61 -4.62 -34.84
N VAL A 305 5.22 -5.82 -34.43
CA VAL A 305 4.99 -6.88 -35.41
C VAL A 305 3.58 -6.77 -35.99
N TRP A 306 2.63 -6.25 -35.21
CA TRP A 306 1.30 -5.95 -35.74
C TRP A 306 1.38 -4.82 -36.76
N GLN A 307 1.97 -3.69 -36.39
CA GLN A 307 2.13 -2.58 -37.31
C GLN A 307 3.04 -2.92 -38.49
N SER A 308 3.76 -4.04 -38.44
CA SER A 308 4.64 -4.40 -39.54
C SER A 308 3.88 -4.54 -40.85
N THR A 309 2.57 -4.72 -40.80
CA THR A 309 1.77 -4.76 -42.02
C THR A 309 1.41 -3.34 -42.44
N PRO A 310 1.51 -2.99 -43.72
CA PRO A 310 1.27 -1.60 -44.12
C PRO A 310 -0.14 -1.11 -43.83
N TYR A 311 -1.13 -2.00 -43.85
CA TYR A 311 -2.52 -1.60 -43.62
C TYR A 311 -2.97 -1.80 -42.18
N ASN A 312 -2.08 -2.23 -41.29
CA ASN A 312 -2.40 -2.31 -39.87
C ASN A 312 -2.05 -1.03 -39.14
N ASP A 313 -1.36 -0.10 -39.80
CA ASP A 313 -1.23 1.27 -39.34
C ASP A 313 -1.57 2.19 -40.51
N GLU A 314 -2.35 3.22 -40.25
CA GLU A 314 -2.83 4.06 -41.33
C GLU A 314 -3.73 3.25 -42.26
N PRO A 315 -4.85 2.72 -41.76
CA PRO A 315 -5.71 1.87 -42.58
C PRO A 315 -6.72 2.64 -43.43
N TRP A 316 -6.49 3.92 -43.64
CA TRP A 316 -7.26 4.89 -44.41
C TRP A 316 -8.50 5.38 -43.68
N TYR A 317 -8.90 4.79 -42.56
CA TYR A 317 -10.00 5.36 -41.79
C TYR A 317 -9.52 6.14 -40.58
N ASN A 318 -8.31 5.86 -40.09
CA ASN A 318 -7.61 6.74 -39.17
C ASN A 318 -6.19 6.90 -39.67
N GLN A 319 -5.85 8.09 -40.17
CA GLN A 319 -4.53 8.37 -40.70
C GLN A 319 -3.75 9.24 -39.73
N LYS A 320 -2.43 9.21 -39.87
CA LYS A 320 -1.56 9.94 -38.97
C LYS A 320 -1.36 11.36 -39.44
N THR A 321 -1.07 12.25 -38.50
CA THR A 321 -0.74 13.62 -38.85
C THR A 321 0.64 13.67 -39.50
N GLN A 322 0.89 14.76 -40.23
CA GLN A 322 2.20 14.92 -40.85
C GLN A 322 3.31 14.88 -39.81
N LYS A 323 3.06 15.46 -38.63
CA LYS A 323 4.04 15.43 -37.56
C LYS A 323 4.34 13.99 -37.15
N GLU A 324 3.31 13.25 -36.73
CA GLU A 324 3.51 11.88 -36.25
C GLU A 324 4.04 10.96 -37.33
N ARG A 325 4.06 11.38 -38.59
CA ARG A 325 4.59 10.55 -39.67
C ARG A 325 6.10 10.68 -39.83
N GLU A 326 6.67 11.82 -39.44
CA GLU A 326 8.09 12.05 -39.59
C GLU A 326 8.92 11.55 -38.41
N THR A 327 8.30 11.37 -37.24
CA THR A 327 9.04 10.93 -36.06
C THR A 327 9.90 9.73 -36.39
N LEU A 328 11.12 9.73 -35.85
CA LEU A 328 12.05 8.63 -36.09
C LEU A 328 11.55 7.35 -35.44
N LYS A 329 11.61 6.25 -36.18
CA LYS A 329 11.06 4.99 -35.69
C LYS A 329 11.81 4.50 -34.46
N VAL A 330 13.09 4.83 -34.32
CA VAL A 330 13.86 4.39 -33.16
C VAL A 330 13.53 5.17 -31.91
N LEU A 331 12.84 6.31 -32.04
CA LEU A 331 12.40 7.07 -30.88
C LEU A 331 10.95 6.81 -30.51
N LYS A 332 10.14 6.30 -31.44
CA LYS A 332 8.78 5.90 -31.11
C LYS A 332 8.70 4.53 -30.46
N MET A 333 9.71 3.69 -30.67
CA MET A 333 9.76 2.43 -29.93
C MET A 333 10.02 2.68 -28.45
N PHE A 334 10.65 3.81 -28.12
CA PHE A 334 10.90 4.15 -26.73
C PHE A 334 9.69 4.87 -26.12
N THR A 335 9.13 5.85 -26.82
CA THR A 335 7.96 6.55 -26.33
C THR A 335 6.70 5.68 -26.40
N ASP A 336 6.74 4.56 -27.12
CA ASP A 336 5.64 3.60 -27.03
C ASP A 336 5.78 2.72 -25.80
N PHE A 337 6.99 2.24 -25.52
CA PHE A 337 7.24 1.54 -24.27
C PHE A 337 6.88 2.42 -23.08
N LEU A 338 7.50 3.58 -22.99
CA LEU A 338 7.22 4.51 -21.90
C LEU A 338 5.76 4.93 -21.85
N SER A 339 4.97 4.63 -22.88
CA SER A 339 3.54 4.94 -22.87
C SER A 339 2.69 3.78 -22.38
N PHE A 340 3.24 2.57 -22.35
CA PHE A 340 2.54 1.45 -21.72
C PHE A 340 2.82 1.42 -20.22
N MET A 341 4.07 1.65 -19.81
CA MET A 341 4.37 1.78 -18.39
C MET A 341 3.46 2.79 -17.72
N VAL A 342 3.24 3.94 -18.37
CA VAL A 342 2.34 4.95 -17.84
C VAL A 342 0.88 4.53 -17.91
N LEU A 343 0.57 3.52 -18.72
CA LEU A 343 -0.79 2.99 -18.81
C LEU A 343 -1.04 1.92 -17.76
N PHE A 344 -0.04 1.10 -17.46
CA PHE A 344 -0.14 0.05 -16.46
C PHE A 344 0.51 0.42 -15.14
N ASN A 345 0.88 1.69 -14.94
CA ASN A 345 1.61 2.06 -13.74
C ASN A 345 0.75 2.05 -12.48
N PHE A 346 -0.55 1.77 -12.60
CA PHE A 346 -1.36 1.55 -11.41
C PHE A 346 -1.04 0.22 -10.73
N ILE A 347 -0.27 -0.64 -11.38
CA ILE A 347 0.06 -1.93 -10.80
C ILE A 347 0.97 -1.76 -9.60
N ILE A 348 1.81 -0.73 -9.62
CA ILE A 348 2.71 -0.40 -8.51
C ILE A 348 2.08 0.73 -7.71
N PRO A 349 1.35 0.44 -6.63
CA PRO A 349 0.53 1.46 -5.98
C PRO A 349 1.39 2.42 -5.15
N VAL A 350 1.20 3.72 -5.38
CA VAL A 350 1.72 4.75 -4.52
C VAL A 350 0.61 5.42 -3.72
N SER A 351 -0.59 4.88 -3.78
CA SER A 351 -1.67 5.25 -2.87
C SER A 351 -1.71 4.36 -1.64
N MET A 352 -0.91 3.29 -1.63
CA MET A 352 -0.78 2.44 -0.45
C MET A 352 0.15 3.03 0.59
N TYR A 353 0.93 4.05 0.22
CA TYR A 353 1.78 4.74 1.18
C TYR A 353 1.04 5.87 1.88
N VAL A 354 0.03 6.45 1.23
CA VAL A 354 -0.81 7.43 1.91
C VAL A 354 -1.79 6.77 2.85
N THR A 355 -2.01 5.47 2.71
CA THR A 355 -2.87 4.72 3.61
C THR A 355 -2.08 3.94 4.65
N VAL A 356 -0.86 3.51 4.30
CA VAL A 356 -0.02 2.83 5.28
C VAL A 356 0.42 3.80 6.37
N GLU A 357 0.47 5.09 6.06
CA GLU A 357 0.86 6.10 7.05
C GLU A 357 -0.34 6.70 7.77
N MET A 358 -1.50 6.78 7.10
CA MET A 358 -2.71 7.21 7.80
C MET A 358 -3.16 6.16 8.79
N GLN A 359 -2.85 4.90 8.54
CA GLN A 359 -3.20 3.83 9.48
C GLN A 359 -2.13 3.67 10.55
N LYS A 360 -0.87 3.93 10.21
CA LYS A 360 0.19 3.83 11.19
C LYS A 360 0.08 4.94 12.23
N PHE A 361 -0.38 6.12 11.82
CA PHE A 361 -0.49 7.24 12.74
C PHE A 361 -1.74 7.14 13.60
N LEU A 362 -2.86 6.73 13.01
CA LEU A 362 -4.12 6.64 13.74
C LEU A 362 -4.28 5.31 14.48
N GLY A 363 -3.35 4.37 14.31
CA GLY A 363 -3.41 3.12 15.02
C GLY A 363 -2.49 3.12 16.21
N SER A 364 -1.47 3.98 16.19
CA SER A 364 -0.61 4.16 17.34
C SER A 364 -1.32 4.84 18.50
N PHE A 365 -2.58 5.24 18.31
CA PHE A 365 -3.35 5.86 19.38
C PHE A 365 -3.97 4.82 20.30
N PHE A 366 -4.21 3.62 19.80
CA PHE A 366 -4.76 2.56 20.63
C PHE A 366 -3.77 2.08 21.68
N ILE A 367 -2.50 2.44 21.56
CA ILE A 367 -1.53 2.13 22.61
C ILE A 367 -1.49 3.23 23.67
N SER A 368 -1.71 4.48 23.27
CA SER A 368 -1.78 5.57 24.24
C SER A 368 -3.10 5.54 25.00
N TRP A 369 -4.21 5.25 24.31
CA TRP A 369 -5.53 5.26 24.92
C TRP A 369 -5.82 4.03 25.77
N ASP A 370 -4.95 3.03 25.75
CA ASP A 370 -5.23 1.80 26.48
C ASP A 370 -5.19 2.06 27.98
N LYS A 371 -6.17 1.53 28.69
CA LYS A 371 -6.24 1.67 30.14
C LYS A 371 -5.63 0.49 30.87
N ASP A 372 -5.23 -0.55 30.16
CA ASP A 372 -4.43 -1.62 30.73
C ASP A 372 -2.96 -1.26 30.84
N PHE A 373 -2.58 -0.05 30.45
CA PHE A 373 -1.22 0.44 30.53
C PHE A 373 -1.08 1.58 31.52
N TYR A 374 -2.11 1.84 32.32
CA TYR A 374 -2.15 2.99 33.22
C TYR A 374 -1.61 2.56 34.59
N ASP A 375 -0.58 3.27 35.06
CA ASP A 375 0.02 3.01 36.36
C ASP A 375 -0.45 4.08 37.33
N GLU A 376 -1.12 3.66 38.40
CA GLU A 376 -1.71 4.63 39.33
C GLU A 376 -0.64 5.40 40.09
N GLU A 377 0.39 4.71 40.59
CA GLU A 377 1.38 5.34 41.44
C GLU A 377 2.44 6.13 40.68
N ILE A 378 2.28 6.29 39.37
CA ILE A 378 3.13 7.19 38.60
C ILE A 378 2.21 8.08 37.76
N ASN A 379 0.96 7.65 37.60
CA ASN A 379 -0.09 8.46 37.00
C ASN A 379 0.20 8.76 35.52
N GLU A 380 0.46 7.72 34.75
CA GLU A 380 0.59 7.85 33.31
C GLU A 380 0.64 6.46 32.71
N GLY A 381 0.38 6.40 31.39
CA GLY A 381 0.33 5.12 30.71
C GLY A 381 1.39 4.94 29.66
N ALA A 382 1.08 4.18 28.62
CA ALA A 382 2.05 3.89 27.58
C ALA A 382 2.40 5.15 26.79
N LEU A 383 3.51 5.07 26.07
CA LEU A 383 3.97 6.12 25.18
C LEU A 383 4.11 5.58 23.77
N VAL A 384 4.20 6.50 22.81
CA VAL A 384 4.49 6.13 21.43
C VAL A 384 5.45 7.15 20.85
N ASN A 385 6.73 6.80 20.77
CA ASN A 385 7.71 7.71 20.20
C ASN A 385 7.77 7.60 18.69
N THR A 386 7.50 6.42 18.14
CA THR A 386 7.44 6.20 16.70
C THR A 386 6.29 5.28 16.38
N SER A 387 5.51 5.64 15.36
CA SER A 387 4.44 4.79 14.87
C SER A 387 4.89 3.87 13.74
N ASP A 388 6.14 3.99 13.30
CA ASP A 388 6.65 3.25 12.16
C ASP A 388 6.93 1.79 12.47
N LEU A 389 6.70 1.33 13.70
CA LEU A 389 7.02 -0.05 14.07
C LEU A 389 5.84 -0.73 14.75
N ASN A 390 4.66 -0.12 14.72
CA ASN A 390 3.46 -0.75 15.28
C ASN A 390 3.34 -2.20 14.83
N GLU A 391 3.67 -2.48 13.58
CA GLU A 391 3.39 -3.77 12.97
C GLU A 391 4.42 -4.83 13.31
N GLU A 392 5.56 -4.47 13.91
CA GLU A 392 6.60 -5.44 14.21
C GLU A 392 6.75 -5.68 15.70
N LEU A 393 5.74 -5.29 16.49
CA LEU A 393 5.64 -5.79 17.86
C LEU A 393 5.11 -7.22 17.87
N GLY A 394 4.30 -7.58 16.90
CA GLY A 394 3.78 -8.93 16.79
C GLY A 394 4.65 -9.83 15.96
N GLN A 395 5.95 -9.51 15.89
CA GLN A 395 6.88 -10.31 15.10
C GLN A 395 8.22 -10.51 15.81
N VAL A 396 8.29 -10.31 17.11
CA VAL A 396 9.56 -10.40 17.82
C VAL A 396 9.92 -11.86 18.08
N ASP A 397 11.21 -12.15 18.02
CA ASP A 397 11.73 -13.48 18.30
C ASP A 397 12.59 -13.56 19.56
N TYR A 398 13.36 -12.52 19.85
CA TYR A 398 14.15 -12.41 21.06
C TYR A 398 13.76 -11.14 21.80
N VAL A 399 13.74 -11.21 23.13
CA VAL A 399 13.53 -10.03 23.96
C VAL A 399 14.69 -9.95 24.94
N PHE A 400 15.48 -8.88 24.84
CA PHE A 400 16.66 -8.68 25.66
C PHE A 400 16.30 -7.71 26.76
N THR A 401 15.84 -8.24 27.89
CA THR A 401 15.38 -7.39 28.98
C THR A 401 16.54 -6.83 29.78
N BFD A 402 16.27 -6.06 30.85
CA BFD A 402 17.21 -5.54 31.85
C BFD A 402 16.76 -6.08 33.24
O BFD A 402 15.58 -6.46 33.35
CB BFD A 402 17.15 -4.03 31.73
CG BFD A 402 17.91 -3.27 32.79
OD1 BFD A 402 19.35 -3.36 32.93
OD2 BFD A 402 17.32 -2.52 33.55
BE BFD A 402 20.09 -2.34 34.15
F1 BFD A 402 18.84 -1.28 34.82
F2 BFD A 402 21.37 -1.37 33.44
F3 BFD A 402 20.75 -3.38 35.41
N LYS A 403 17.61 -6.14 34.28
CA LYS A 403 17.26 -6.69 35.58
C LYS A 403 16.86 -5.59 36.57
N THR A 404 17.85 -4.84 37.05
CA THR A 404 17.60 -3.87 38.09
C THR A 404 16.67 -2.75 37.61
N GLY A 405 15.44 -2.73 38.10
CA GLY A 405 14.53 -1.65 37.77
C GLY A 405 13.39 -2.07 36.87
N THR A 406 13.68 -2.92 35.89
CA THR A 406 12.67 -3.43 34.97
C THR A 406 12.10 -4.78 35.40
N LEU A 407 12.95 -5.69 35.87
CA LEU A 407 12.50 -6.97 36.38
C LEU A 407 12.46 -7.03 37.91
N THR A 408 12.98 -6.01 38.59
CA THR A 408 12.99 -6.00 40.05
C THR A 408 12.43 -4.69 40.58
N LYS A 644 13.86 -8.15 44.84
CA LYS A 644 12.46 -8.56 44.84
C LYS A 644 11.81 -8.29 43.48
N LEU A 645 11.26 -9.33 42.87
CA LEU A 645 10.60 -9.19 41.59
C LEU A 645 9.48 -8.16 41.67
N GLN A 646 9.04 -7.71 40.50
CA GLN A 646 7.97 -6.73 40.40
C GLN A 646 6.63 -7.45 40.36
N ASP A 647 5.56 -6.72 40.00
CA ASP A 647 4.21 -7.25 40.08
C ASP A 647 4.11 -8.64 39.46
N GLN A 648 4.38 -8.75 38.16
CA GLN A 648 4.25 -10.02 37.45
C GLN A 648 5.43 -10.23 36.51
N ALA A 649 6.64 -9.89 36.97
CA ALA A 649 7.81 -10.08 36.13
C ALA A 649 8.24 -11.53 36.03
N ALA A 650 7.44 -12.46 36.53
CA ALA A 650 7.69 -13.90 36.39
C ALA A 650 6.57 -14.63 35.68
N GLU A 651 5.33 -14.21 35.87
CA GLU A 651 4.21 -14.70 35.08
C GLU A 651 4.12 -14.04 33.72
N THR A 652 4.94 -13.02 33.46
CA THR A 652 5.05 -12.43 32.14
C THR A 652 6.17 -13.06 31.32
N ILE A 653 7.21 -13.57 31.97
CA ILE A 653 8.23 -14.35 31.29
C ILE A 653 7.75 -15.75 30.94
N GLU A 654 6.64 -16.19 31.53
CA GLU A 654 6.04 -17.45 31.13
C GLU A 654 5.14 -17.29 29.92
N ALA A 655 4.65 -16.08 29.67
CA ALA A 655 3.88 -15.81 28.47
C ALA A 655 4.79 -15.48 27.30
N LEU A 656 5.98 -14.95 27.56
CA LEU A 656 6.97 -14.74 26.51
C LEU A 656 7.67 -16.02 26.10
N HIS A 657 7.58 -17.07 26.91
CA HIS A 657 8.12 -18.38 26.55
C HIS A 657 7.07 -19.31 25.97
N ALA A 658 5.80 -19.11 26.32
CA ALA A 658 4.74 -19.87 25.67
C ALA A 658 4.50 -19.38 24.25
N ALA A 659 4.67 -18.08 24.01
CA ALA A 659 4.51 -17.51 22.68
C ALA A 659 5.71 -17.78 21.78
N GLY A 660 6.73 -18.48 22.26
CA GLY A 660 7.87 -18.84 21.46
C GLY A 660 9.03 -17.87 21.48
N LEU A 661 8.98 -16.84 22.33
CA LEU A 661 10.06 -15.89 22.42
C LEU A 661 11.19 -16.42 23.29
N LYS A 662 12.35 -15.80 23.16
CA LYS A 662 13.54 -16.16 23.93
C LYS A 662 13.98 -14.95 24.74
N VAL A 663 13.86 -15.04 26.06
CA VAL A 663 14.12 -13.93 26.96
C VAL A 663 15.55 -14.01 27.45
N TRP A 664 16.36 -13.02 27.10
CA TRP A 664 17.72 -12.87 27.60
C TRP A 664 17.74 -11.72 28.60
N VAL A 665 18.37 -11.94 29.74
CA VAL A 665 18.42 -10.95 30.81
C VAL A 665 19.82 -10.35 30.80
N LEU A 666 19.97 -9.20 30.15
CA LEU A 666 21.24 -8.49 30.10
C LEU A 666 21.23 -7.44 31.21
N THR A 667 22.12 -7.61 32.19
CA THR A 667 22.18 -6.73 33.34
C THR A 667 23.58 -6.13 33.48
N GLY A 668 23.76 -5.31 34.52
CA GLY A 668 25.04 -4.70 34.80
C GLY A 668 25.45 -4.89 36.24
N ASP A 669 24.68 -5.68 36.97
CA ASP A 669 24.94 -5.96 38.37
C ASP A 669 25.81 -7.21 38.51
N LYS A 670 25.92 -7.74 39.72
CA LYS A 670 26.75 -8.90 39.97
C LYS A 670 26.22 -10.12 39.19
N MET A 671 27.02 -11.19 39.20
CA MET A 671 26.68 -12.38 38.43
C MET A 671 25.61 -13.21 39.13
N GLU A 672 25.91 -13.69 40.34
CA GLU A 672 24.96 -14.52 41.05
C GLU A 672 23.81 -13.70 41.64
N THR A 673 24.12 -12.54 42.21
CA THR A 673 23.06 -11.63 42.67
C THR A 673 22.06 -11.39 41.55
N ALA A 674 22.54 -11.25 40.32
CA ALA A 674 21.64 -11.17 39.18
C ALA A 674 21.03 -12.53 38.88
N LYS A 675 21.84 -13.60 38.86
CA LYS A 675 21.32 -14.94 38.63
C LYS A 675 20.19 -15.28 39.59
N SER A 676 20.24 -14.72 40.81
CA SER A 676 19.17 -14.95 41.76
C SER A 676 17.87 -14.28 41.32
N THR A 677 17.93 -12.99 41.00
CA THR A 677 16.74 -12.27 40.57
C THR A 677 16.27 -12.71 39.18
N CYS A 678 17.03 -13.57 38.50
CA CYS A 678 16.51 -14.32 37.37
C CYS A 678 16.11 -15.74 37.76
N TYR A 679 16.78 -16.32 38.75
CA TYR A 679 16.23 -17.47 39.44
C TYR A 679 14.89 -17.12 40.08
N ALA A 680 14.83 -15.97 40.76
CA ALA A 680 13.60 -15.55 41.41
C ALA A 680 12.48 -15.35 40.39
N CYS A 681 12.77 -14.68 39.27
CA CYS A 681 11.77 -14.49 38.23
C CYS A 681 11.41 -15.78 37.51
N ARG A 682 12.02 -16.91 37.90
CA ARG A 682 11.71 -18.21 37.30
C ARG A 682 12.26 -18.31 35.88
N LEU A 683 13.31 -17.53 35.59
CA LEU A 683 14.05 -17.70 34.34
C LEU A 683 15.02 -18.87 34.40
N PHE A 684 15.58 -19.16 35.56
CA PHE A 684 16.44 -20.33 35.77
C PHE A 684 15.79 -21.19 36.85
N GLN A 685 15.01 -22.17 36.40
CA GLN A 685 14.33 -23.05 37.34
C GLN A 685 15.34 -23.85 38.16
N THR A 686 14.85 -24.52 39.19
CA THR A 686 15.73 -25.28 40.07
C THR A 686 16.50 -26.34 39.30
N ASN A 687 15.80 -27.15 38.51
CA ASN A 687 16.43 -28.22 37.74
C ASN A 687 16.70 -27.72 36.31
N THR A 688 17.64 -26.78 36.24
CA THR A 688 18.09 -26.21 34.96
C THR A 688 19.61 -26.14 35.00
N GLU A 689 20.27 -27.01 34.23
CA GLU A 689 21.72 -27.10 34.26
C GLU A 689 22.35 -25.80 33.79
N LEU A 690 22.93 -25.04 34.72
CA LEU A 690 23.53 -23.75 34.40
C LEU A 690 24.91 -23.96 33.78
N LEU A 691 25.12 -23.38 32.61
CA LEU A 691 26.42 -23.39 31.93
C LEU A 691 27.08 -22.05 32.21
N GLU A 692 27.88 -21.99 33.28
CA GLU A 692 28.46 -20.75 33.75
C GLU A 692 29.76 -20.47 33.02
N LEU A 693 29.75 -19.47 32.13
CA LEU A 693 30.95 -18.98 31.47
C LEU A 693 31.48 -17.72 32.12
N THR A 694 31.23 -17.54 33.42
CA THR A 694 31.66 -16.34 34.12
C THR A 694 33.17 -16.35 34.31
N THR A 695 33.67 -15.31 34.96
CA THR A 695 35.09 -15.24 35.30
C THR A 695 35.46 -16.11 36.49
N LYS A 696 34.49 -16.80 37.08
CA LYS A 696 34.77 -17.71 38.19
C LYS A 696 35.24 -19.08 37.72
N THR A 697 34.97 -19.43 36.46
CA THR A 697 35.38 -20.70 35.89
C THR A 697 36.37 -20.57 34.75
N ILE A 698 36.64 -19.36 34.28
CA ILE A 698 37.42 -19.14 33.06
C ILE A 698 38.65 -18.29 33.39
N GLU A 699 39.22 -18.51 34.57
CA GLU A 699 40.35 -17.70 35.01
C GLU A 699 41.60 -18.03 34.19
N GLU A 700 41.56 -17.73 32.90
CA GLU A 700 42.64 -17.95 31.96
C GLU A 700 42.20 -17.39 30.61
N SER A 701 43.09 -17.49 29.63
CA SER A 701 42.75 -17.08 28.28
C SER A 701 42.46 -18.26 27.36
N GLU A 702 43.11 -19.40 27.60
CA GLU A 702 42.88 -20.61 26.81
C GLU A 702 41.92 -21.59 27.46
N ARG A 703 41.76 -21.52 28.78
CA ARG A 703 40.87 -22.45 29.46
C ARG A 703 39.42 -22.29 29.00
N LYS A 704 39.06 -21.15 28.43
CA LYS A 704 37.71 -20.97 27.92
C LYS A 704 37.42 -21.92 26.77
N GLU A 705 38.33 -21.98 25.79
CA GLU A 705 38.17 -22.91 24.68
C GLU A 705 38.04 -24.35 25.19
N ASP A 706 38.82 -24.71 26.21
CA ASP A 706 38.76 -26.06 26.75
C ASP A 706 37.38 -26.40 27.30
N ARG A 707 36.53 -25.40 27.48
CA ARG A 707 35.18 -25.61 27.97
C ARG A 707 34.10 -25.10 27.05
N LEU A 708 34.42 -24.13 26.19
CA LEU A 708 33.42 -23.62 25.24
C LEU A 708 32.82 -24.76 24.43
N HIS A 709 33.65 -25.51 23.71
CA HIS A 709 33.18 -26.68 22.98
C HIS A 709 33.03 -27.90 23.86
N GLU A 710 33.57 -27.87 25.08
CA GLU A 710 33.34 -28.96 26.02
C GLU A 710 31.90 -28.97 26.50
N LEU A 711 31.15 -27.90 26.26
CA LEU A 711 29.76 -27.82 26.67
C LEU A 711 28.81 -27.50 25.52
N LEU A 712 29.31 -27.48 24.27
CA LEU A 712 28.45 -27.42 23.11
C LEU A 712 28.57 -28.66 22.24
N ILE A 713 29.78 -29.00 21.79
CA ILE A 713 29.97 -30.13 20.89
C ILE A 713 29.71 -31.46 21.58
N GLU A 714 29.80 -31.50 22.91
CA GLU A 714 29.67 -32.74 23.65
C GLU A 714 28.71 -32.66 24.82
N TYR A 715 28.26 -31.47 25.21
CA TYR A 715 27.46 -31.29 26.42
C TYR A 715 26.07 -30.75 26.15
N ARG A 716 25.89 -29.91 25.13
CA ARG A 716 24.62 -29.25 24.86
C ARG A 716 23.78 -29.98 23.82
N LYS A 717 24.35 -30.32 22.67
CA LYS A 717 23.59 -31.00 21.63
C LYS A 717 23.34 -32.46 21.96
N LYS A 718 24.29 -33.12 22.60
CA LYS A 718 24.16 -34.53 22.99
C LYS A 718 23.30 -34.72 24.23
N LEU A 719 22.57 -33.70 24.66
CA LEU A 719 21.73 -33.78 25.84
C LEU A 719 20.83 -35.01 25.80
N GLU A 736 17.13 -30.42 27.61
CA GLU A 736 16.44 -29.71 26.53
C GLU A 736 16.09 -28.29 26.94
N HIS A 737 14.79 -27.96 26.89
CA HIS A 737 14.34 -26.60 27.16
C HIS A 737 14.77 -26.13 28.55
N GLN A 738 14.23 -26.75 29.60
CA GLN A 738 14.52 -26.34 30.96
C GLN A 738 15.74 -27.02 31.55
N GLU A 739 16.36 -27.95 30.82
CA GLU A 739 17.51 -28.66 31.36
C GLU A 739 18.71 -27.73 31.53
N TYR A 740 18.95 -26.85 30.56
CA TYR A 740 20.17 -26.06 30.54
C TYR A 740 19.85 -24.58 30.36
N GLY A 741 20.68 -23.75 30.98
CA GLY A 741 20.62 -22.31 30.83
C GLY A 741 22.00 -21.70 30.99
N LEU A 742 22.31 -20.65 30.24
CA LEU A 742 23.66 -20.11 30.20
C LEU A 742 23.82 -18.96 31.19
N ILE A 743 25.08 -18.62 31.46
CA ILE A 743 25.43 -17.48 32.29
C ILE A 743 26.79 -16.98 31.84
N ILE A 744 26.90 -15.69 31.58
CA ILE A 744 28.10 -15.09 31.02
C ILE A 744 28.45 -13.84 31.82
N ASP A 745 29.50 -13.16 31.38
CA ASP A 745 29.97 -11.94 32.04
C ASP A 745 30.28 -10.86 31.03
N GLY A 746 30.91 -9.78 31.47
CA GLY A 746 31.40 -8.77 30.56
C GLY A 746 32.87 -8.97 30.32
N SER A 747 33.54 -9.62 31.27
CA SER A 747 34.95 -9.97 31.10
C SER A 747 35.10 -11.13 30.12
N THR A 748 34.36 -12.22 30.35
CA THR A 748 34.45 -13.37 29.46
C THR A 748 33.92 -13.05 28.07
N LEU A 749 32.78 -12.37 27.99
CA LEU A 749 32.21 -12.07 26.69
C LEU A 749 33.10 -11.17 25.86
N SER A 750 34.12 -10.56 26.45
CA SER A 750 35.10 -9.80 25.67
C SER A 750 36.16 -10.71 25.08
N LEU A 751 36.40 -11.86 25.68
CA LEU A 751 37.30 -12.83 25.08
C LEU A 751 36.65 -13.51 23.88
N ILE A 752 35.34 -13.75 23.95
CA ILE A 752 34.64 -14.40 22.85
C ILE A 752 34.43 -13.45 21.69
N LEU A 753 34.35 -12.15 21.94
CA LEU A 753 34.12 -11.17 20.88
C LEU A 753 35.42 -10.57 20.36
N ASN A 754 36.18 -9.91 21.24
CA ASN A 754 37.39 -9.21 20.80
C ASN A 754 38.49 -10.19 20.40
N SER A 755 38.93 -11.02 21.34
CA SER A 755 40.02 -11.95 21.06
C SER A 755 39.64 -13.01 20.03
N SER A 756 38.37 -13.12 19.66
CA SER A 756 37.91 -14.15 18.73
C SER A 756 37.63 -13.58 17.33
N GLN A 757 38.14 -12.40 17.02
CA GLN A 757 38.05 -11.85 15.69
C GLN A 757 39.26 -12.18 14.83
N ASP A 758 40.22 -12.94 15.37
CA ASP A 758 41.40 -13.36 14.64
C ASP A 758 41.47 -14.87 14.47
N SER A 759 41.30 -15.63 15.55
CA SER A 759 41.32 -17.08 15.49
C SER A 759 40.05 -17.55 14.80
N SER A 760 40.17 -17.91 13.52
CA SER A 760 39.03 -18.33 12.72
C SER A 760 39.08 -19.81 12.33
N SER A 761 40.12 -20.54 12.73
CA SER A 761 40.14 -21.98 12.48
C SER A 761 38.91 -22.64 13.10
N ASN A 762 38.66 -22.34 14.38
CA ASN A 762 37.40 -22.68 15.04
C ASN A 762 36.98 -21.41 15.79
N ASN A 763 36.15 -20.60 15.14
CA ASN A 763 35.82 -19.29 15.68
C ASN A 763 35.04 -19.42 16.98
N TYR A 764 35.56 -18.79 18.04
CA TYR A 764 34.86 -18.77 19.32
C TYR A 764 33.41 -18.34 19.15
N LYS A 765 33.21 -17.17 18.56
CA LYS A 765 31.87 -16.62 18.39
C LYS A 765 30.93 -17.60 17.71
N SER A 766 31.47 -18.49 16.88
CA SER A 766 30.63 -19.48 16.21
C SER A 766 30.19 -20.57 17.18
N ILE A 767 31.13 -21.15 17.92
CA ILE A 767 30.80 -22.15 18.92
C ILE A 767 29.86 -21.54 19.96
N PHE A 768 30.26 -20.42 20.55
CA PHE A 768 29.45 -19.79 21.58
C PHE A 768 28.04 -19.50 21.08
N LEU A 769 27.92 -18.93 19.88
CA LEU A 769 26.61 -18.57 19.35
C LEU A 769 25.76 -19.77 19.00
N GLN A 770 26.24 -20.99 19.25
CA GLN A 770 25.40 -22.18 19.12
C GLN A 770 24.82 -22.62 20.45
N ILE A 771 25.51 -22.33 21.56
CA ILE A 771 24.98 -22.67 22.87
C ILE A 771 23.87 -21.71 23.27
N CYS A 772 23.84 -20.50 22.70
CA CYS A 772 22.85 -19.51 23.08
C CYS A 772 21.49 -19.79 22.44
N MET A 773 21.49 -20.19 21.16
CA MET A 773 20.26 -20.54 20.48
C MET A 773 19.77 -21.94 20.83
N LYS A 774 20.47 -22.65 21.72
CA LYS A 774 20.06 -23.98 22.14
C LYS A 774 19.65 -24.03 23.61
N CYS A 775 19.86 -22.96 24.36
CA CYS A 775 19.51 -22.91 25.78
C CYS A 775 18.19 -22.15 25.97
N THR A 776 17.46 -22.50 27.03
CA THR A 776 16.18 -21.87 27.29
C THR A 776 16.33 -20.35 27.43
N ALA A 777 17.10 -19.90 28.42
CA ALA A 777 17.32 -18.48 28.64
C ALA A 777 18.78 -18.26 29.01
N VAL A 778 19.25 -17.04 28.73
CA VAL A 778 20.63 -16.65 29.00
C VAL A 778 20.61 -15.46 29.95
N LEU A 779 21.65 -15.36 30.75
CA LEU A 779 21.83 -14.26 31.69
C LEU A 779 23.26 -13.75 31.58
N CYS A 780 23.40 -12.44 31.38
CA CYS A 780 24.70 -11.80 31.24
C CYS A 780 24.83 -10.75 32.33
N CYS A 781 25.89 -10.87 33.13
CA CYS A 781 26.13 -9.97 34.26
C CYS A 781 27.40 -9.17 34.03
N ARG A 782 27.52 -8.07 34.75
CA ARG A 782 28.65 -7.15 34.59
C ARG A 782 28.77 -6.73 33.13
N MET A 783 27.63 -6.41 32.51
CA MET A 783 27.56 -6.12 31.08
C MET A 783 27.56 -4.60 30.90
N ALA A 784 28.66 -4.07 30.37
CA ALA A 784 28.79 -2.64 30.13
C ALA A 784 27.68 -2.14 29.22
N PRO A 785 27.48 -0.84 29.12
CA PRO A 785 26.36 -0.34 28.30
C PRO A 785 26.53 -0.62 26.82
N LEU A 786 27.77 -0.79 26.36
CA LEU A 786 28.05 -1.08 24.96
C LEU A 786 28.34 -2.55 24.71
N GLN A 787 28.19 -3.40 25.71
CA GLN A 787 28.25 -4.84 25.53
C GLN A 787 26.86 -5.47 25.46
N LYS A 788 25.84 -4.78 25.95
CA LYS A 788 24.46 -5.20 25.71
C LYS A 788 24.01 -4.87 24.30
N ALA A 789 24.73 -4.01 23.60
CA ALA A 789 24.45 -3.72 22.20
C ALA A 789 25.19 -4.65 21.25
N GLN A 790 26.27 -5.29 21.71
CA GLN A 790 26.91 -6.33 20.90
C GLN A 790 26.16 -7.64 20.95
N ILE A 791 25.47 -7.92 22.06
CA ILE A 791 24.66 -9.12 22.16
C ILE A 791 23.41 -8.98 21.31
N VAL A 792 22.82 -7.78 21.28
CA VAL A 792 21.67 -7.54 20.43
C VAL A 792 22.06 -7.49 18.96
N ARG A 793 23.35 -7.31 18.67
CA ARG A 793 23.84 -7.28 17.30
C ARG A 793 24.29 -8.65 16.82
N MET A 794 24.91 -9.44 17.70
CA MET A 794 25.23 -10.82 17.35
C MET A 794 23.98 -11.59 16.98
N VAL A 795 22.90 -11.41 17.75
CA VAL A 795 21.67 -12.17 17.52
C VAL A 795 20.89 -11.64 16.33
N LYS A 796 21.12 -10.39 15.91
CA LYS A 796 20.41 -9.83 14.77
C LYS A 796 20.93 -10.35 13.43
N ASN A 797 22.09 -11.01 13.41
CA ASN A 797 22.70 -11.46 12.17
C ASN A 797 22.59 -12.96 11.95
N LEU A 798 22.46 -13.75 13.01
CA LEU A 798 22.61 -15.19 12.89
C LEU A 798 21.49 -15.79 12.06
N LYS A 799 21.85 -16.41 10.93
CA LYS A 799 20.99 -17.33 10.18
C LYS A 799 19.56 -16.83 10.12
N GLY A 800 19.39 -15.65 9.53
CA GLY A 800 18.08 -15.06 9.40
C GLY A 800 18.03 -13.62 9.85
N SER A 801 16.88 -13.22 10.38
CA SER A 801 16.68 -11.84 10.86
C SER A 801 15.78 -11.88 12.09
N PRO A 802 16.21 -12.55 13.14
CA PRO A 802 15.38 -12.64 14.35
C PRO A 802 15.00 -11.25 14.86
N ILE A 803 13.72 -10.92 14.82
CA ILE A 803 13.25 -9.64 15.31
C ILE A 803 13.52 -9.57 16.81
N THR A 804 14.37 -8.64 17.22
CA THR A 804 14.79 -8.51 18.60
C THR A 804 14.11 -7.33 19.27
N LEU A 805 13.71 -7.52 20.53
CA LEU A 805 13.17 -6.46 21.36
C LEU A 805 14.10 -6.22 22.54
N SER A 806 14.04 -5.01 23.10
CA SER A 806 14.91 -4.63 24.19
C SER A 806 14.14 -3.68 25.09
N ILE A 807 13.84 -4.12 26.31
CA ILE A 807 13.02 -3.35 27.24
C ILE A 807 13.87 -3.07 28.48
N GLY A 808 14.43 -1.87 28.56
CA GLY A 808 15.18 -1.43 29.71
C GLY A 808 14.55 -0.20 30.32
N ASP A 809 15.19 0.30 31.38
CA ASP A 809 14.66 1.45 32.10
C ASP A 809 15.70 2.50 32.45
N GLY A 810 16.99 2.25 32.24
CA GLY A 810 18.00 3.21 32.65
C GLY A 810 18.77 3.81 31.50
N ALA A 811 19.93 4.40 31.80
CA ALA A 811 20.77 5.02 30.79
C ALA A 811 21.82 4.06 30.22
N ASN A 812 21.90 2.83 30.73
CA ASN A 812 22.75 1.82 30.12
C ASN A 812 21.98 0.92 29.16
N ASP A 813 20.65 0.98 29.17
CA ASP A 813 19.83 0.25 28.22
C ASP A 813 19.43 1.10 27.03
N VAL A 814 20.09 2.24 26.82
CA VAL A 814 19.79 3.09 25.67
C VAL A 814 20.58 2.70 24.44
N SER A 815 21.66 1.92 24.60
CA SER A 815 22.42 1.45 23.46
C SER A 815 21.89 0.14 22.90
N MET A 816 21.27 -0.69 23.75
CA MET A 816 20.57 -1.87 23.28
C MET A 816 19.12 -1.58 22.92
N ILE A 817 18.68 -0.34 23.13
CA ILE A 817 17.35 0.07 22.69
C ILE A 817 17.39 0.73 21.32
N LEU A 818 18.50 1.40 20.99
CA LEU A 818 18.73 1.93 19.66
C LEU A 818 19.30 0.90 18.70
N GLU A 819 19.59 -0.31 19.17
CA GLU A 819 20.19 -1.35 18.35
C GLU A 819 19.23 -2.48 18.01
N SER A 820 18.09 -2.57 18.69
CA SER A 820 17.14 -3.63 18.43
C SER A 820 16.17 -3.22 17.32
N HIS A 821 15.36 -4.18 16.88
CA HIS A 821 14.37 -3.88 15.85
C HIS A 821 13.26 -3.00 16.39
N VAL A 822 12.82 -3.26 17.62
CA VAL A 822 11.83 -2.44 18.31
C VAL A 822 12.23 -2.40 19.78
N GLY A 823 12.63 -1.22 20.26
CA GLY A 823 13.13 -1.08 21.62
C GLY A 823 12.12 -0.40 22.52
N ILE A 824 11.66 -1.14 23.52
CA ILE A 824 10.72 -0.62 24.51
C ILE A 824 11.52 0.02 25.64
N GLY A 825 10.88 0.96 26.32
CA GLY A 825 11.49 1.62 27.45
C GLY A 825 10.55 1.72 28.61
N ILE A 826 11.06 1.63 29.83
CA ILE A 826 10.23 1.60 31.04
C ILE A 826 10.24 2.98 31.68
N LYS A 827 9.06 3.52 31.91
CA LYS A 827 8.92 4.82 32.56
C LYS A 827 9.02 4.60 34.07
N GLY A 828 10.26 4.44 34.53
CA GLY A 828 10.53 4.12 35.92
C GLY A 828 10.70 5.35 36.78
N LYS A 829 11.26 5.15 37.97
CA LYS A 829 11.48 6.21 38.94
C LYS A 829 12.86 6.85 38.78
N GLU A 830 13.88 6.04 38.52
CA GLU A 830 15.25 6.55 38.42
C GLU A 830 15.34 7.71 37.43
N GLY A 831 15.01 7.45 36.17
CA GLY A 831 15.11 8.48 35.16
C GLY A 831 14.44 8.05 33.88
N ARG A 832 14.27 9.02 32.99
CA ARG A 832 13.60 8.80 31.71
C ARG A 832 14.57 8.85 30.53
N GLN A 833 15.80 8.37 30.74
CA GLN A 833 16.77 8.37 29.65
C GLN A 833 16.50 7.25 28.65
N ALA A 834 15.72 6.25 29.03
CA ALA A 834 15.32 5.18 28.12
C ALA A 834 13.91 5.34 27.60
N ALA A 835 13.07 6.13 28.29
CA ALA A 835 11.73 6.45 27.79
C ALA A 835 11.75 7.63 26.84
N ARG A 836 12.92 8.01 26.34
CA ARG A 836 13.06 9.06 25.33
C ARG A 836 13.73 8.57 24.07
N ASN A 837 14.68 7.65 24.16
CA ASN A 837 15.35 7.08 23.01
C ASN A 837 14.72 5.77 22.56
N SER A 838 13.54 5.44 23.06
CA SER A 838 12.85 4.22 22.69
C SER A 838 11.77 4.53 21.66
N ASP A 839 11.04 3.49 21.26
CA ASP A 839 9.91 3.65 20.34
C ASP A 839 8.59 3.68 21.08
N TYR A 840 8.44 2.87 22.11
CA TYR A 840 7.29 2.88 22.99
C TYR A 840 7.78 2.94 24.43
N SER A 841 6.85 3.07 25.37
CA SER A 841 7.23 3.14 26.78
C SER A 841 6.02 2.75 27.63
N VAL A 842 6.10 1.61 28.29
CA VAL A 842 5.06 1.18 29.22
C VAL A 842 5.59 1.39 30.64
N PRO A 843 4.77 1.83 31.58
CA PRO A 843 5.30 2.09 32.93
C PRO A 843 5.36 0.85 33.80
N LYS A 844 5.80 -0.27 33.24
CA LYS A 844 5.95 -1.54 33.95
C LYS A 844 6.50 -2.55 32.97
N PHE A 845 7.07 -3.63 33.50
CA PHE A 845 7.51 -4.74 32.65
C PHE A 845 6.35 -5.64 32.28
N LYS A 846 5.43 -5.89 33.22
CA LYS A 846 4.31 -6.77 32.96
C LYS A 846 3.39 -6.26 31.86
N HIS A 847 3.49 -5.00 31.48
CA HIS A 847 2.70 -4.44 30.40
C HIS A 847 3.21 -4.85 29.03
N LEU A 848 4.22 -5.72 28.98
CA LEU A 848 4.75 -6.21 27.72
C LEU A 848 3.98 -7.40 27.19
N LYS A 849 3.26 -8.12 28.06
CA LYS A 849 2.44 -9.24 27.60
C LYS A 849 1.26 -8.77 26.77
N LYS A 850 0.70 -7.61 27.09
CA LYS A 850 -0.41 -7.05 26.35
C LYS A 850 0.04 -6.18 25.18
N LEU A 851 1.29 -5.74 25.18
CA LEU A 851 1.79 -4.93 24.07
C LEU A 851 2.24 -5.79 22.90
N LEU A 852 2.77 -6.97 23.17
CA LEU A 852 3.18 -7.90 22.12
C LEU A 852 2.06 -8.85 21.73
N LEU A 853 1.42 -9.47 22.73
CA LEU A 853 0.46 -10.53 22.44
C LEU A 853 -0.83 -9.96 21.84
N ALA A 854 -1.31 -8.83 22.37
CA ALA A 854 -2.61 -8.30 21.96
C ALA A 854 -2.52 -7.08 21.06
N HIS A 855 -1.45 -6.31 21.14
CA HIS A 855 -1.31 -5.11 20.33
C HIS A 855 -0.40 -5.29 19.12
N GLY A 856 0.52 -6.26 19.17
CA GLY A 856 1.38 -6.50 18.04
C GLY A 856 0.80 -7.56 17.14
N HIS A 857 -0.07 -8.41 17.69
CA HIS A 857 -0.75 -9.41 16.89
C HIS A 857 -1.84 -8.79 16.04
N LEU A 858 -2.49 -7.73 16.54
CA LEU A 858 -3.48 -7.01 15.74
C LEU A 858 -2.81 -6.01 14.80
N TYR A 859 -1.83 -5.27 15.30
CA TYR A 859 -1.16 -4.28 14.47
C TYR A 859 -0.52 -4.92 13.23
N TYR A 860 -0.03 -6.16 13.36
CA TYR A 860 0.61 -6.81 12.23
C TYR A 860 -0.40 -7.36 11.25
N VAL A 861 -1.39 -8.11 11.74
CA VAL A 861 -2.40 -8.71 10.89
C VAL A 861 -3.24 -7.68 10.15
N ARG A 862 -3.20 -6.41 10.58
CA ARG A 862 -3.95 -5.36 9.92
C ARG A 862 -3.19 -4.72 8.78
N ILE A 863 -1.88 -4.53 8.93
CA ILE A 863 -1.08 -3.99 7.85
C ILE A 863 -0.51 -5.06 6.94
N ALA A 864 -0.49 -6.32 7.38
CA ALA A 864 -0.11 -7.41 6.50
C ALA A 864 -1.23 -7.76 5.53
N HIS A 865 -2.48 -7.44 5.86
CA HIS A 865 -3.61 -7.63 4.97
C HIS A 865 -3.92 -6.39 4.16
N LEU A 866 -3.39 -5.23 4.55
CA LEU A 866 -3.56 -4.02 3.76
C LEU A 866 -2.58 -3.95 2.61
N VAL A 867 -1.45 -4.65 2.72
CA VAL A 867 -0.50 -4.70 1.62
C VAL A 867 -0.75 -5.89 0.70
N GLN A 868 -1.34 -6.96 1.21
CA GLN A 868 -1.75 -8.06 0.34
C GLN A 868 -2.93 -7.66 -0.53
N TYR A 869 -3.86 -6.89 0.02
CA TYR A 869 -5.06 -6.46 -0.68
C TYR A 869 -4.83 -5.22 -1.53
N PHE A 870 -3.70 -4.54 -1.39
CA PHE A 870 -3.41 -3.37 -2.20
C PHE A 870 -2.73 -3.71 -3.52
N PHE A 871 -2.11 -4.89 -3.62
CA PHE A 871 -1.60 -5.39 -4.89
C PHE A 871 -2.66 -6.18 -5.63
N TYR A 872 -3.41 -7.03 -4.91
CA TYR A 872 -4.58 -7.67 -5.48
C TYR A 872 -5.53 -6.65 -6.09
N LYS A 873 -5.93 -5.66 -5.29
CA LYS A 873 -6.81 -4.59 -5.71
C LYS A 873 -6.44 -4.01 -7.07
N ASN A 874 -5.15 -3.82 -7.34
CA ASN A 874 -4.70 -3.10 -8.52
C ASN A 874 -4.20 -4.00 -9.64
N LEU A 875 -4.03 -5.29 -9.39
CA LEU A 875 -3.72 -6.22 -10.48
C LEU A 875 -4.99 -6.77 -11.13
N CYS A 876 -6.11 -6.76 -10.41
CA CYS A 876 -7.40 -7.02 -11.05
C CYS A 876 -7.86 -5.82 -11.87
N PHE A 877 -7.31 -4.64 -11.60
CA PHE A 877 -7.71 -3.42 -12.27
C PHE A 877 -7.02 -3.26 -13.61
N ILE A 878 -5.72 -3.56 -13.67
CA ILE A 878 -4.92 -3.31 -14.87
C ILE A 878 -4.72 -4.57 -15.71
N LEU A 879 -5.24 -5.71 -15.28
CA LEU A 879 -5.16 -6.90 -16.12
C LEU A 879 -6.22 -6.85 -17.21
N PRO A 880 -7.47 -6.52 -16.89
CA PRO A 880 -8.47 -6.34 -17.95
C PRO A 880 -8.16 -5.19 -18.89
N GLN A 881 -7.11 -4.42 -18.62
CA GLN A 881 -6.70 -3.33 -19.49
C GLN A 881 -5.45 -3.65 -20.28
N PHE A 882 -4.69 -4.67 -19.87
CA PHE A 882 -3.60 -5.22 -20.66
C PHE A 882 -4.07 -6.25 -21.67
N LEU A 883 -5.14 -6.99 -21.34
CA LEU A 883 -5.73 -7.92 -22.28
C LEU A 883 -6.48 -7.20 -23.40
N TYR A 884 -6.87 -5.95 -23.17
CA TYR A 884 -7.56 -5.20 -24.21
C TYR A 884 -6.63 -4.87 -25.38
N GLN A 885 -5.36 -4.58 -25.08
CA GLN A 885 -4.42 -4.18 -26.12
C GLN A 885 -4.35 -5.19 -27.26
N PHE A 886 -4.75 -6.44 -27.02
CA PHE A 886 -4.77 -7.43 -28.08
C PHE A 886 -5.96 -7.27 -29.00
N PHE A 887 -7.04 -6.66 -28.51
CA PHE A 887 -8.23 -6.41 -29.31
C PHE A 887 -8.36 -4.97 -29.76
N CYS A 888 -7.59 -4.06 -29.16
CA CYS A 888 -7.31 -2.76 -29.76
C CYS A 888 -6.18 -2.97 -30.77
N GLY A 889 -5.61 -1.89 -31.27
CA GLY A 889 -4.48 -2.05 -32.17
C GLY A 889 -3.16 -1.99 -31.44
N PHE A 890 -3.13 -2.52 -30.22
CA PHE A 890 -1.97 -2.36 -29.33
C PHE A 890 -1.64 -0.88 -29.15
N SER A 891 -2.66 -0.02 -29.29
CA SER A 891 -2.48 1.41 -29.34
C SER A 891 -2.61 2.07 -27.98
N GLN A 892 -2.36 1.34 -26.90
CA GLN A 892 -2.44 1.87 -25.54
C GLN A 892 -3.67 2.75 -25.36
N GLN A 893 -4.83 2.16 -25.62
CA GLN A 893 -6.11 2.83 -25.45
C GLN A 893 -6.73 2.37 -24.14
N PRO A 894 -6.97 3.26 -23.19
CA PRO A 894 -7.52 2.83 -21.90
C PRO A 894 -8.86 2.12 -22.08
N LEU A 895 -9.05 1.05 -21.31
CA LEU A 895 -10.32 0.35 -21.34
C LEU A 895 -11.39 1.13 -20.59
N TYR A 896 -11.05 1.73 -19.46
CA TYR A 896 -11.98 2.45 -18.63
C TYR A 896 -11.98 3.94 -18.95
N ASP A 897 -12.95 4.64 -18.40
CA ASP A 897 -13.02 6.09 -18.54
C ASP A 897 -11.84 6.72 -17.83
N ALA A 898 -11.70 8.04 -17.91
CA ALA A 898 -10.61 8.72 -17.21
C ALA A 898 -11.00 9.14 -15.80
N ALA A 899 -12.29 9.40 -15.57
CA ALA A 899 -12.76 9.66 -14.22
C ALA A 899 -12.88 8.39 -13.40
N TYR A 900 -12.84 7.22 -14.05
CA TYR A 900 -12.90 5.96 -13.32
C TYR A 900 -11.52 5.47 -12.94
N LEU A 901 -10.49 5.82 -13.71
CA LEU A 901 -9.14 5.38 -13.40
C LEU A 901 -8.61 6.05 -12.14
N THR A 902 -8.85 7.36 -12.00
CA THR A 902 -8.32 8.09 -10.86
C THR A 902 -9.15 7.87 -9.60
N MET A 903 -10.48 7.73 -9.76
CA MET A 903 -11.35 7.58 -8.60
C MET A 903 -11.30 6.20 -8.00
N TYR A 904 -10.74 5.22 -8.70
CA TYR A 904 -10.77 3.84 -8.22
C TYR A 904 -9.99 3.69 -6.92
N ASN A 905 -8.73 4.10 -6.92
CA ASN A 905 -7.87 3.88 -5.76
C ASN A 905 -8.11 4.87 -4.63
N ILE A 906 -8.73 6.01 -4.91
CA ILE A 906 -8.91 7.04 -3.90
C ILE A 906 -10.34 7.08 -3.38
N CYS A 907 -11.33 6.85 -4.24
CA CYS A 907 -12.73 7.00 -3.87
C CYS A 907 -13.45 5.66 -3.72
N PHE A 908 -13.38 4.80 -4.74
CA PHE A 908 -14.23 3.60 -4.75
C PHE A 908 -13.68 2.48 -3.89
N THR A 909 -12.36 2.44 -3.67
CA THR A 909 -11.75 1.30 -2.99
C THR A 909 -10.81 1.70 -1.86
N SER A 910 -10.87 2.95 -1.40
CA SER A 910 -9.88 3.42 -0.43
C SER A 910 -10.34 3.30 1.01
N LEU A 911 -11.63 3.48 1.29
CA LEU A 911 -12.13 3.45 2.66
C LEU A 911 -12.30 2.04 3.19
N PRO A 912 -12.95 1.14 2.45
CA PRO A 912 -13.18 -0.21 2.99
C PRO A 912 -11.94 -0.88 3.56
N ILE A 913 -10.76 -0.64 2.99
CA ILE A 913 -9.55 -1.25 3.51
C ILE A 913 -8.94 -0.44 4.64
N LEU A 914 -9.16 0.88 4.66
CA LEU A 914 -8.67 1.70 5.76
C LEU A 914 -9.41 1.37 7.04
N ALA A 915 -10.74 1.42 7.01
CA ALA A 915 -11.54 1.06 8.18
C ALA A 915 -11.32 -0.39 8.62
N TYR A 916 -10.62 -1.19 7.83
CA TYR A 916 -10.29 -2.55 8.20
C TYR A 916 -8.96 -2.62 8.93
N SER A 917 -7.95 -1.96 8.40
CA SER A 917 -6.63 -1.90 9.00
C SER A 917 -6.59 -1.06 10.24
N LEU A 918 -7.72 -0.57 10.73
CA LEU A 918 -7.75 0.29 11.90
C LEU A 918 -8.64 -0.23 13.02
N LEU A 919 -9.73 -0.92 12.71
CA LEU A 919 -10.65 -1.39 13.74
C LEU A 919 -11.13 -2.80 13.44
N GLU A 920 -10.22 -3.68 13.04
CA GLU A 920 -10.57 -5.07 12.75
C GLU A 920 -9.71 -6.00 13.58
N GLN A 921 -10.35 -6.89 14.33
CA GLN A 921 -9.69 -7.87 15.18
C GLN A 921 -10.11 -9.25 14.72
N HIS A 922 -9.20 -9.97 14.06
CA HIS A 922 -9.54 -11.30 13.56
C HIS A 922 -9.52 -12.35 14.66
N ILE A 923 -8.85 -12.07 15.77
CA ILE A 923 -8.99 -12.84 17.00
C ILE A 923 -9.27 -11.86 18.12
N ASN A 924 -10.38 -12.06 18.82
CA ASN A 924 -10.83 -11.09 19.82
C ASN A 924 -9.67 -10.66 20.71
N ILE A 925 -9.67 -9.38 21.09
CA ILE A 925 -8.56 -8.83 21.85
C ILE A 925 -8.56 -9.29 23.30
N ASP A 926 -9.58 -10.05 23.71
CA ASP A 926 -9.62 -10.65 25.04
C ASP A 926 -9.22 -12.12 25.03
N THR A 927 -9.07 -12.73 23.86
CA THR A 927 -8.71 -14.14 23.77
C THR A 927 -7.31 -14.38 23.22
N LEU A 928 -6.59 -13.32 22.83
CA LEU A 928 -5.18 -13.45 22.49
C LEU A 928 -4.27 -12.91 23.57
N THR A 929 -4.81 -12.14 24.52
CA THR A 929 -4.05 -11.77 25.71
C THR A 929 -3.95 -12.93 26.68
N SER A 930 -5.04 -13.69 26.83
CA SER A 930 -5.01 -14.88 27.67
C SER A 930 -4.18 -15.99 27.03
N ASP A 931 -4.57 -16.42 25.83
CA ASP A 931 -3.87 -17.48 25.12
C ASP A 931 -2.63 -16.93 24.43
N PRO A 932 -1.44 -17.26 24.90
CA PRO A 932 -0.21 -16.71 24.31
C PRO A 932 0.41 -17.54 23.20
N ARG A 933 -0.24 -18.62 22.75
CA ARG A 933 0.29 -19.43 21.67
C ARG A 933 -0.21 -19.03 20.30
N LEU A 934 -1.19 -18.12 20.23
CA LEU A 934 -1.58 -17.56 18.95
C LEU A 934 -0.56 -16.57 18.41
N TYR A 935 0.43 -16.19 19.22
CA TYR A 935 1.47 -15.28 18.77
C TYR A 935 2.40 -15.95 17.77
N MET A 936 2.60 -17.26 17.88
CA MET A 936 3.47 -17.97 16.96
C MET A 936 2.75 -18.40 15.68
N LYS A 937 1.44 -18.17 15.58
CA LYS A 937 0.75 -18.38 14.33
C LYS A 937 1.24 -17.41 13.25
N ILE A 938 1.44 -16.14 13.63
CA ILE A 938 1.84 -15.09 12.70
C ILE A 938 3.34 -14.84 12.71
N SER A 939 4.11 -15.64 13.44
CA SER A 939 5.53 -15.36 13.60
C SER A 939 6.32 -15.89 12.41
N GLY A 940 7.29 -15.11 11.97
CA GLY A 940 8.01 -15.41 10.75
C GLY A 940 7.48 -14.74 9.52
N ASN A 941 6.69 -13.67 9.67
CA ASN A 941 6.04 -13.00 8.56
C ASN A 941 5.14 -13.97 7.79
N ALA A 942 4.13 -14.49 8.51
CA ALA A 942 3.30 -15.55 7.95
C ALA A 942 2.44 -15.04 6.80
N MET A 943 1.84 -13.85 6.95
CA MET A 943 0.91 -13.36 5.94
C MET A 943 1.60 -12.83 4.69
N LEU A 944 2.85 -12.40 4.79
CA LEU A 944 3.57 -11.81 3.67
C LEU A 944 4.64 -12.74 3.10
N GLN A 945 4.46 -14.05 3.28
CA GLN A 945 5.42 -15.02 2.77
C GLN A 945 5.18 -15.24 1.28
N LEU A 946 5.82 -16.27 0.71
CA LEU A 946 5.68 -16.58 -0.70
C LEU A 946 4.49 -17.49 -0.99
N GLY A 947 3.88 -18.08 0.03
CA GLY A 947 2.73 -18.91 -0.17
C GLY A 947 1.45 -18.10 -0.23
N PRO A 948 1.28 -17.18 0.73
CA PRO A 948 0.15 -16.25 0.64
C PRO A 948 0.29 -15.22 -0.46
N PHE A 949 1.52 -14.94 -0.92
CA PHE A 949 1.69 -13.97 -1.99
C PHE A 949 1.27 -14.54 -3.33
N LEU A 950 1.55 -15.81 -3.57
CA LEU A 950 1.17 -16.45 -4.82
C LEU A 950 -0.31 -16.78 -4.90
N TYR A 951 -1.05 -16.64 -3.81
CA TYR A 951 -2.49 -16.82 -3.84
C TYR A 951 -3.23 -15.52 -4.12
N TRP A 952 -2.68 -14.39 -3.69
CA TRP A 952 -3.27 -13.09 -4.02
C TRP A 952 -2.89 -12.62 -5.41
N THR A 953 -1.77 -13.09 -5.95
CA THR A 953 -1.36 -12.74 -7.30
C THR A 953 -2.00 -13.62 -8.36
N PHE A 954 -2.23 -14.90 -8.04
CA PHE A 954 -2.93 -15.79 -8.96
C PHE A 954 -4.43 -15.66 -8.87
N LEU A 955 -4.94 -15.18 -7.73
CA LEU A 955 -6.37 -14.90 -7.63
C LEU A 955 -6.72 -13.54 -8.22
N ALA A 956 -5.72 -12.71 -8.52
CA ALA A 956 -5.94 -11.44 -9.19
C ALA A 956 -5.71 -11.52 -10.69
N ALA A 957 -4.97 -12.52 -11.16
CA ALA A 957 -4.87 -12.80 -12.58
C ALA A 957 -5.96 -13.74 -13.07
N PHE A 958 -6.56 -14.51 -12.17
CA PHE A 958 -7.72 -15.32 -12.53
C PHE A 958 -8.98 -14.47 -12.58
N GLU A 959 -9.08 -13.48 -11.69
CA GLU A 959 -10.25 -12.61 -11.69
C GLU A 959 -10.17 -11.58 -12.81
N GLY A 960 -9.04 -10.88 -12.92
CA GLY A 960 -8.85 -9.94 -14.01
C GLY A 960 -9.06 -10.55 -15.39
N THR A 961 -8.88 -11.86 -15.52
CA THR A 961 -9.14 -12.55 -16.77
C THR A 961 -10.60 -12.95 -16.92
N VAL A 962 -11.32 -13.08 -15.80
CA VAL A 962 -12.74 -13.41 -15.87
C VAL A 962 -13.59 -12.15 -16.07
N PHE A 963 -13.10 -11.00 -15.62
CA PHE A 963 -13.82 -9.76 -15.87
C PHE A 963 -13.82 -9.42 -17.36
N PHE A 964 -12.66 -9.53 -18.00
CA PHE A 964 -12.55 -9.19 -19.42
C PHE A 964 -13.18 -10.25 -20.30
N PHE A 965 -12.66 -11.47 -20.25
CA PHE A 965 -13.15 -12.51 -21.14
C PHE A 965 -14.53 -13.02 -20.76
N GLY A 966 -15.18 -12.43 -19.76
CA GLY A 966 -16.56 -12.73 -19.48
C GLY A 966 -17.43 -11.66 -20.09
N THR A 967 -16.84 -10.48 -20.33
CA THR A 967 -17.51 -9.42 -21.07
C THR A 967 -17.18 -9.46 -22.55
N TYR A 968 -16.04 -10.02 -22.93
CA TYR A 968 -15.72 -10.16 -24.35
C TYR A 968 -16.59 -11.22 -25.01
N PHE A 969 -17.05 -12.21 -24.24
CA PHE A 969 -17.96 -13.22 -24.78
C PHE A 969 -19.41 -12.78 -24.73
N LEU A 970 -19.73 -11.83 -23.86
CA LEU A 970 -21.08 -11.28 -23.80
C LEU A 970 -21.36 -10.30 -24.93
N PHE A 971 -20.32 -9.70 -25.52
CA PHE A 971 -20.48 -8.71 -26.57
C PHE A 971 -20.46 -9.32 -27.97
N GLN A 972 -20.83 -10.60 -28.09
CA GLN A 972 -21.00 -11.25 -29.39
C GLN A 972 -22.45 -11.40 -29.77
N THR A 973 -23.34 -10.61 -29.17
CA THR A 973 -24.77 -10.76 -29.35
C THR A 973 -25.34 -9.96 -30.50
N ALA A 974 -24.75 -8.80 -30.80
CA ALA A 974 -25.26 -7.79 -31.71
C ALA A 974 -26.37 -6.98 -31.06
N SER A 975 -26.84 -7.35 -29.86
CA SER A 975 -27.76 -6.54 -29.08
C SER A 975 -27.87 -7.16 -27.70
N LEU A 976 -27.82 -6.31 -26.68
CA LEU A 976 -27.92 -6.78 -25.30
C LEU A 976 -29.21 -6.34 -24.61
N GLU A 977 -30.15 -5.79 -25.37
CA GLU A 977 -31.43 -5.37 -24.81
C GLU A 977 -32.54 -5.65 -25.81
N GLU A 978 -33.78 -5.40 -25.38
CA GLU A 978 -34.95 -5.81 -26.14
C GLU A 978 -35.27 -4.89 -27.31
N ASN A 979 -34.66 -3.72 -27.39
CA ASN A 979 -34.93 -2.80 -28.50
C ASN A 979 -33.87 -2.86 -29.58
N GLY A 980 -32.93 -3.80 -29.50
CA GLY A 980 -31.96 -4.01 -30.55
C GLY A 980 -31.01 -2.85 -30.76
N LYS A 981 -30.43 -2.34 -29.68
CA LYS A 981 -29.46 -1.26 -29.75
C LYS A 981 -28.09 -1.77 -29.32
N VAL A 982 -27.05 -1.25 -29.95
CA VAL A 982 -25.70 -1.75 -29.78
C VAL A 982 -24.92 -0.83 -28.85
N TYR A 983 -23.91 -1.40 -28.19
CA TYR A 983 -23.08 -0.70 -27.22
C TYR A 983 -21.71 -0.41 -27.81
N GLY A 984 -21.02 0.55 -27.23
CA GLY A 984 -19.73 1.00 -27.68
C GLY A 984 -18.58 0.40 -26.88
N ASN A 985 -17.49 1.15 -26.80
CA ASN A 985 -16.34 0.73 -26.01
C ASN A 985 -16.32 1.33 -24.61
N TRP A 986 -17.23 2.26 -24.32
CA TRP A 986 -17.35 2.80 -22.98
C TRP A 986 -18.39 2.06 -22.15
N THR A 987 -19.27 1.29 -22.79
CA THR A 987 -20.12 0.36 -22.07
C THR A 987 -19.44 -0.98 -21.88
N PHE A 988 -18.46 -1.30 -22.73
CA PHE A 988 -17.61 -2.46 -22.50
C PHE A 988 -16.70 -2.24 -21.29
N GLY A 989 -16.26 -1.01 -21.06
CA GLY A 989 -15.33 -0.72 -19.99
C GLY A 989 -15.97 -0.48 -18.65
N THR A 990 -17.26 -0.15 -18.62
CA THR A 990 -17.98 -0.01 -17.35
C THR A 990 -18.75 -1.26 -16.97
N ILE A 991 -18.76 -2.28 -17.81
CA ILE A 991 -19.20 -3.60 -17.39
C ILE A 991 -18.04 -4.39 -16.80
N VAL A 992 -16.82 -4.08 -17.23
CA VAL A 992 -15.63 -4.67 -16.62
C VAL A 992 -15.21 -3.90 -15.38
N PHE A 993 -15.66 -2.66 -15.23
CA PHE A 993 -15.36 -1.86 -14.04
C PHE A 993 -16.41 -2.01 -12.96
N THR A 994 -17.64 -2.38 -13.34
CA THR A 994 -18.67 -2.65 -12.33
C THR A 994 -18.51 -4.04 -11.73
N VAL A 995 -18.09 -5.01 -12.54
CA VAL A 995 -17.75 -6.32 -12.01
C VAL A 995 -16.51 -6.25 -11.17
N LEU A 996 -15.61 -5.30 -11.47
CA LEU A 996 -14.35 -5.19 -10.75
C LEU A 996 -14.53 -4.55 -9.38
N VAL A 997 -15.43 -3.57 -9.26
CA VAL A 997 -15.60 -2.89 -7.99
C VAL A 997 -16.41 -3.73 -7.01
N PHE A 998 -17.37 -4.52 -7.50
CA PHE A 998 -18.14 -5.38 -6.63
C PHE A 998 -17.38 -6.64 -6.22
N THR A 999 -16.33 -7.01 -6.97
CA THR A 999 -15.57 -8.21 -6.67
C THR A 999 -14.43 -7.95 -5.71
N VAL A 1000 -13.81 -6.78 -5.78
CA VAL A 1000 -12.75 -6.44 -4.82
C VAL A 1000 -13.31 -5.83 -3.56
N THR A 1001 -14.59 -5.45 -3.56
CA THR A 1001 -15.24 -4.95 -2.35
C THR A 1001 -15.94 -6.04 -1.58
N LEU A 1002 -16.37 -7.11 -2.26
CA LEU A 1002 -16.95 -8.27 -1.62
C LEU A 1002 -15.91 -9.34 -1.33
N LYS A 1003 -14.65 -9.12 -1.73
CA LYS A 1003 -13.57 -10.00 -1.32
C LYS A 1003 -12.98 -9.57 0.02
N LEU A 1004 -13.20 -8.31 0.42
CA LEU A 1004 -12.85 -7.84 1.74
C LEU A 1004 -13.98 -8.05 2.74
N ALA A 1005 -15.23 -7.93 2.29
CA ALA A 1005 -16.36 -8.28 3.14
C ALA A 1005 -16.39 -9.74 3.50
N LEU A 1006 -15.62 -10.58 2.79
CA LEU A 1006 -15.48 -11.98 3.14
C LEU A 1006 -14.29 -12.25 4.05
N ASP A 1007 -13.26 -11.40 3.99
CA ASP A 1007 -12.11 -11.52 4.87
C ASP A 1007 -12.31 -10.83 6.20
N THR A 1008 -13.46 -10.20 6.43
CA THR A 1008 -13.71 -9.43 7.64
C THR A 1008 -14.38 -10.32 8.68
N ARG A 1009 -13.80 -10.33 9.89
CA ARG A 1009 -14.37 -11.06 11.01
C ARG A 1009 -14.95 -10.17 12.10
N PHE A 1010 -14.58 -8.90 12.13
CA PHE A 1010 -15.06 -7.94 13.11
C PHE A 1010 -15.87 -6.89 12.37
N TRP A 1011 -17.20 -7.04 12.40
CA TRP A 1011 -18.11 -6.20 11.63
C TRP A 1011 -18.67 -5.10 12.52
N THR A 1012 -17.84 -4.11 12.81
CA THR A 1012 -18.30 -2.94 13.54
C THR A 1012 -19.30 -2.16 12.70
N TRP A 1013 -19.89 -1.12 13.28
CA TRP A 1013 -20.80 -0.27 12.51
C TRP A 1013 -20.06 0.62 11.54
N ILE A 1014 -18.73 0.71 11.63
CA ILE A 1014 -17.94 1.45 10.65
C ILE A 1014 -17.52 0.57 9.47
N ASN A 1015 -17.50 -0.76 9.65
CA ASN A 1015 -17.28 -1.65 8.53
C ASN A 1015 -18.55 -1.91 7.75
N HIS A 1016 -19.71 -1.66 8.34
CA HIS A 1016 -20.98 -1.74 7.62
C HIS A 1016 -21.25 -0.46 6.82
N PHE A 1017 -20.59 0.63 7.17
CA PHE A 1017 -20.87 1.92 6.55
C PHE A 1017 -19.90 2.26 5.44
N VAL A 1018 -18.71 1.65 5.42
CA VAL A 1018 -17.75 1.88 4.35
C VAL A 1018 -17.74 0.76 3.32
N ILE A 1019 -18.24 -0.43 3.66
CA ILE A 1019 -18.27 -1.53 2.69
C ILE A 1019 -19.53 -1.47 1.86
N TRP A 1020 -20.67 -1.14 2.47
CA TRP A 1020 -21.89 -0.91 1.72
C TRP A 1020 -22.10 0.55 1.36
N GLY A 1021 -21.32 1.45 1.93
CA GLY A 1021 -21.36 2.85 1.53
C GLY A 1021 -20.39 3.20 0.44
N SER A 1022 -19.51 2.28 0.07
CA SER A 1022 -18.63 2.44 -1.08
C SER A 1022 -19.12 1.72 -2.31
N LEU A 1023 -20.06 0.79 -2.16
CA LEU A 1023 -20.78 0.21 -3.28
C LEU A 1023 -21.99 1.04 -3.68
N ALA A 1024 -22.57 1.76 -2.72
CA ALA A 1024 -23.67 2.67 -2.98
C ALA A 1024 -23.20 4.05 -3.40
N PHE A 1025 -21.89 4.29 -3.47
CA PHE A 1025 -21.34 5.53 -3.98
C PHE A 1025 -20.84 5.39 -5.42
N TYR A 1026 -20.24 4.25 -5.75
CA TYR A 1026 -19.94 3.99 -7.15
C TYR A 1026 -21.21 3.91 -7.99
N VAL A 1027 -22.31 3.45 -7.39
CA VAL A 1027 -23.56 3.33 -8.12
C VAL A 1027 -24.32 4.66 -8.15
N PHE A 1028 -24.00 5.58 -7.25
CA PHE A 1028 -24.62 6.91 -7.28
C PHE A 1028 -23.78 7.91 -8.02
N PHE A 1029 -22.46 7.86 -7.84
CA PHE A 1029 -21.58 8.72 -8.63
C PHE A 1029 -21.73 8.45 -10.11
N SER A 1030 -21.77 7.17 -10.49
CA SER A 1030 -21.92 6.82 -11.91
C SER A 1030 -23.23 7.35 -12.47
N PHE A 1031 -24.33 7.11 -11.76
CA PHE A 1031 -25.64 7.61 -12.19
C PHE A 1031 -25.71 9.13 -12.21
N PHE A 1032 -24.73 9.82 -11.62
CA PHE A 1032 -24.71 11.27 -11.54
C PHE A 1032 -23.66 11.89 -12.45
N TRP A 1033 -22.45 11.35 -12.46
CA TRP A 1033 -21.41 11.85 -13.37
C TRP A 1033 -21.86 11.69 -14.82
N GLY A 1034 -22.48 10.56 -15.15
CA GLY A 1034 -23.08 10.37 -16.44
C GLY A 1034 -24.58 10.58 -16.37
N GLY A 1035 -25.07 11.62 -17.04
CA GLY A 1035 -26.45 12.02 -16.87
C GLY A 1035 -26.62 13.52 -16.96
N ILE A 1036 -25.51 14.24 -17.01
CA ILE A 1036 -25.50 15.67 -17.25
C ILE A 1036 -24.44 15.98 -18.29
N ILE A 1037 -24.72 16.98 -19.13
CA ILE A 1037 -23.79 17.39 -20.18
C ILE A 1037 -22.88 18.44 -19.54
N TRP A 1038 -21.82 17.97 -18.92
CA TRP A 1038 -20.94 18.84 -18.16
C TRP A 1038 -20.28 19.88 -19.07
N PRO A 1039 -20.55 21.17 -18.87
CA PRO A 1039 -20.00 22.17 -19.80
C PRO A 1039 -18.49 22.27 -19.75
N PHE A 1040 -17.86 21.99 -18.61
CA PHE A 1040 -16.42 22.16 -18.49
C PHE A 1040 -15.62 21.03 -19.11
N LEU A 1041 -16.27 19.94 -19.50
CA LEU A 1041 -15.57 18.82 -20.13
C LEU A 1041 -15.50 19.02 -21.64
N LYS A 1042 -14.49 18.42 -22.25
CA LYS A 1042 -14.32 18.43 -23.69
C LYS A 1042 -14.69 17.09 -24.32
N GLN A 1043 -15.15 16.14 -23.53
CA GLN A 1043 -15.39 14.77 -24.02
C GLN A 1043 -16.84 14.35 -23.93
N GLN A 1044 -17.50 14.56 -22.79
CA GLN A 1044 -18.89 14.16 -22.59
C GLN A 1044 -19.17 12.79 -23.20
N ARG A 1045 -18.25 11.86 -22.96
CA ARG A 1045 -18.30 10.54 -23.56
C ARG A 1045 -19.01 9.51 -22.69
N MET A 1046 -19.25 9.81 -21.41
CA MET A 1046 -19.92 8.89 -20.51
C MET A 1046 -21.32 9.37 -20.14
N TYR A 1047 -22.03 9.96 -21.11
CA TYR A 1047 -23.28 10.66 -20.77
C TYR A 1047 -24.30 9.71 -20.18
N PHE A 1048 -24.57 8.59 -20.84
CA PHE A 1048 -25.54 7.62 -20.35
C PHE A 1048 -25.02 6.20 -20.46
N VAL A 1049 -23.71 6.01 -20.37
CA VAL A 1049 -23.15 4.68 -20.54
C VAL A 1049 -23.52 3.78 -19.36
N PHE A 1050 -23.79 4.35 -18.20
CA PHE A 1050 -24.15 3.55 -17.02
C PHE A 1050 -25.65 3.36 -16.88
N ALA A 1051 -26.44 4.39 -17.19
CA ALA A 1051 -27.88 4.26 -17.09
C ALA A 1051 -28.47 3.39 -18.19
N GLN A 1052 -27.73 3.17 -19.27
CA GLN A 1052 -28.16 2.25 -20.32
C GLN A 1052 -27.57 0.86 -20.12
N MET A 1053 -26.32 0.78 -19.68
CA MET A 1053 -25.75 -0.50 -19.29
C MET A 1053 -26.67 -1.25 -18.33
N LEU A 1054 -27.29 -0.55 -17.39
CA LEU A 1054 -28.20 -1.16 -16.43
C LEU A 1054 -29.64 -1.21 -16.93
N SER A 1055 -29.89 -0.88 -18.19
CA SER A 1055 -31.22 -0.95 -18.76
C SER A 1055 -31.46 -2.24 -19.53
N SER A 1056 -30.56 -3.21 -19.41
CA SER A 1056 -30.68 -4.49 -20.08
C SER A 1056 -30.65 -5.61 -19.05
N VAL A 1057 -31.50 -6.61 -19.24
CA VAL A 1057 -31.54 -7.72 -18.30
C VAL A 1057 -30.35 -8.65 -18.49
N SER A 1058 -29.81 -8.74 -19.71
CA SER A 1058 -28.65 -9.59 -19.96
C SER A 1058 -27.37 -9.01 -19.39
N THR A 1059 -27.36 -7.73 -19.01
CA THR A 1059 -26.20 -7.14 -18.38
C THR A 1059 -26.26 -7.21 -16.86
N TRP A 1060 -27.44 -7.52 -16.30
CA TRP A 1060 -27.53 -7.83 -14.88
C TRP A 1060 -27.16 -9.28 -14.62
N LEU A 1061 -27.77 -10.20 -15.37
CA LEU A 1061 -27.44 -11.62 -15.23
C LEU A 1061 -25.99 -11.90 -15.58
N ALA A 1062 -25.31 -10.99 -16.27
CA ALA A 1062 -23.91 -11.17 -16.62
C ALA A 1062 -22.97 -10.56 -15.60
N ILE A 1063 -23.45 -9.58 -14.83
CA ILE A 1063 -22.61 -8.99 -13.79
C ILE A 1063 -22.69 -9.79 -12.51
N ILE A 1064 -23.84 -10.41 -12.23
CA ILE A 1064 -23.96 -11.24 -11.03
C ILE A 1064 -23.46 -12.65 -11.25
N LEU A 1065 -23.05 -12.99 -12.46
CA LEU A 1065 -22.40 -14.27 -12.73
C LEU A 1065 -20.89 -14.15 -12.79
N LEU A 1066 -20.37 -12.99 -13.15
CA LEU A 1066 -18.94 -12.75 -13.10
C LEU A 1066 -18.47 -12.31 -11.72
N ILE A 1067 -19.39 -11.88 -10.85
CA ILE A 1067 -19.03 -11.60 -9.47
C ILE A 1067 -19.02 -12.87 -8.63
N PHE A 1068 -19.68 -13.94 -9.10
CA PHE A 1068 -19.65 -15.22 -8.42
C PHE A 1068 -18.58 -16.15 -8.97
N ILE A 1069 -18.35 -16.11 -10.28
CA ILE A 1069 -17.26 -16.89 -10.86
C ILE A 1069 -15.92 -16.40 -10.36
N SER A 1070 -15.86 -15.14 -9.92
CA SER A 1070 -14.61 -14.57 -9.42
C SER A 1070 -14.41 -14.79 -7.94
N LEU A 1071 -15.49 -14.86 -7.16
CA LEU A 1071 -15.41 -15.17 -5.74
C LEU A 1071 -15.68 -16.65 -5.47
N PHE A 1072 -15.45 -17.52 -6.44
CA PHE A 1072 -15.57 -18.95 -6.23
C PHE A 1072 -14.32 -19.48 -5.53
N PRO A 1073 -13.13 -19.09 -5.98
CA PRO A 1073 -11.92 -19.47 -5.22
C PRO A 1073 -11.98 -19.03 -3.77
N GLU A 1074 -12.20 -17.74 -3.53
CA GLU A 1074 -12.27 -17.23 -2.16
C GLU A 1074 -13.35 -17.91 -1.35
N ILE A 1075 -14.36 -18.48 -1.99
CA ILE A 1075 -15.44 -19.16 -1.28
C ILE A 1075 -15.14 -20.64 -1.09
N LEU A 1076 -14.57 -21.29 -2.10
CA LEU A 1076 -14.20 -22.69 -1.96
C LEU A 1076 -13.08 -22.86 -0.92
N LEU A 1077 -12.19 -21.88 -0.83
CA LEU A 1077 -11.14 -21.93 0.19
C LEU A 1077 -11.72 -21.79 1.58
N ILE A 1078 -12.89 -21.17 1.70
CA ILE A 1078 -13.52 -21.00 3.01
C ILE A 1078 -14.15 -22.31 3.47
N VAL A 1079 -14.44 -23.20 2.53
CA VAL A 1079 -15.06 -24.48 2.89
C VAL A 1079 -14.00 -25.55 3.15
N LEU A 1080 -12.82 -25.40 2.54
CA LEU A 1080 -11.74 -26.36 2.74
C LEU A 1080 -10.83 -25.95 3.89
N LYS A 1081 -10.28 -24.73 3.82
CA LYS A 1081 -9.39 -24.25 4.88
C LYS A 1081 -10.09 -24.14 6.21
N ASN A 1082 -11.43 -24.03 6.22
CA ASN A 1082 -12.18 -23.87 7.46
C ASN A 1082 -12.76 -25.19 7.97
N VAL A 1083 -12.06 -26.29 7.73
CA VAL A 1083 -12.41 -27.59 8.31
C VAL A 1083 -11.10 -28.35 8.53
N ARG A 1084 -10.82 -28.68 9.79
CA ARG A 1084 -9.57 -29.35 10.15
C ARG A 1084 -8.35 -28.52 9.74
N ARG B 27 -7.77 5.97 31.09
CA ARG B 27 -8.16 7.19 31.78
C ARG B 27 -9.65 7.47 31.54
N PRO B 28 -10.11 8.72 31.79
CA PRO B 28 -11.51 9.05 31.48
C PRO B 28 -11.83 8.94 30.00
N ASP B 29 -10.86 8.50 29.20
CA ASP B 29 -11.07 8.20 27.78
C ASP B 29 -11.21 6.70 27.55
N ASN B 30 -11.85 6.00 28.47
CA ASN B 30 -12.07 4.55 28.34
C ASN B 30 -13.41 4.27 27.67
N THR B 31 -13.57 4.83 26.48
CA THR B 31 -14.78 4.66 25.70
C THR B 31 -14.71 3.37 24.89
N ALA B 32 -15.84 2.98 24.32
CA ALA B 32 -15.90 1.72 23.59
C ALA B 32 -15.00 1.74 22.36
N PHE B 33 -14.77 2.92 21.79
CA PHE B 33 -13.94 2.99 20.59
C PHE B 33 -12.45 3.01 20.94
N LYS B 34 -12.06 3.88 21.87
CA LYS B 34 -10.65 4.01 22.20
C LYS B 34 -10.08 2.73 22.82
N GLN B 35 -10.90 1.97 23.52
CA GLN B 35 -10.45 0.74 24.16
C GLN B 35 -10.58 -0.48 23.24
N GLN B 36 -10.98 -0.28 21.99
CA GLN B 36 -11.01 -1.36 21.00
C GLN B 36 -12.07 -2.41 21.36
N ARG B 37 -13.18 -1.96 21.94
CA ARG B 37 -14.27 -2.85 22.30
C ARG B 37 -15.59 -2.32 21.76
N LEU B 38 -15.57 -1.89 20.50
CA LEU B 38 -16.82 -1.57 19.82
C LEU B 38 -17.63 -2.84 19.62
N PRO B 39 -18.96 -2.77 19.77
CA PRO B 39 -19.78 -3.97 19.52
C PRO B 39 -19.75 -4.33 18.05
N ALA B 40 -19.42 -5.59 17.77
CA ALA B 40 -19.23 -6.06 16.40
C ALA B 40 -20.12 -7.27 16.16
N TRP B 41 -20.04 -7.80 14.94
CA TRP B 41 -20.86 -8.93 14.50
C TRP B 41 -20.12 -10.26 14.64
N GLN B 42 -18.87 -10.32 14.22
CA GLN B 42 -18.05 -11.52 14.38
C GLN B 42 -18.74 -12.75 13.82
N PRO B 43 -18.86 -12.87 12.49
CA PRO B 43 -19.47 -14.08 11.91
C PRO B 43 -18.44 -15.18 11.79
N ILE B 44 -18.83 -16.39 12.19
CA ILE B 44 -17.96 -17.56 12.09
C ILE B 44 -18.41 -18.33 10.86
N LEU B 45 -17.79 -18.03 9.73
CA LEU B 45 -18.12 -18.68 8.46
C LEU B 45 -17.49 -20.07 8.45
N THR B 46 -18.13 -20.98 9.17
CA THR B 46 -17.63 -22.34 9.28
C THR B 46 -17.90 -23.12 7.99
N ALA B 47 -17.56 -24.40 8.01
CA ALA B 47 -17.82 -25.28 6.89
C ALA B 47 -19.19 -25.93 6.95
N GLY B 48 -19.87 -25.87 8.09
CA GLY B 48 -21.18 -26.48 8.25
C GLY B 48 -22.35 -25.59 7.89
N THR B 49 -22.10 -24.32 7.59
CA THR B 49 -23.14 -23.40 7.16
C THR B 49 -22.79 -22.76 5.82
N VAL B 50 -22.06 -23.49 4.99
CA VAL B 50 -21.71 -23.02 3.65
C VAL B 50 -22.07 -24.10 2.63
N LEU B 51 -22.40 -25.29 3.12
CA LEU B 51 -22.86 -26.37 2.26
C LEU B 51 -24.25 -26.07 1.72
N PRO B 52 -25.14 -25.45 2.50
CA PRO B 52 -26.42 -25.00 1.94
C PRO B 52 -26.29 -23.82 0.99
N ILE B 53 -25.07 -23.34 0.73
CA ILE B 53 -24.84 -22.29 -0.25
C ILE B 53 -24.66 -22.92 -1.62
N PHE B 54 -23.66 -23.81 -1.75
CA PHE B 54 -23.38 -24.45 -3.02
C PHE B 54 -24.60 -25.14 -3.62
N PHE B 55 -25.64 -25.38 -2.82
CA PHE B 55 -26.87 -25.98 -3.32
C PHE B 55 -27.93 -24.94 -3.66
N ILE B 56 -28.06 -23.90 -2.86
CA ILE B 56 -29.01 -22.83 -3.20
C ILE B 56 -28.56 -22.09 -4.45
N ILE B 57 -27.25 -22.09 -4.73
CA ILE B 57 -26.76 -21.49 -5.96
C ILE B 57 -27.07 -22.39 -7.14
N GLY B 58 -26.55 -23.61 -7.13
CA GLY B 58 -26.79 -24.56 -8.20
C GLY B 58 -28.25 -24.87 -8.45
N LEU B 59 -29.15 -24.40 -7.59
CA LEU B 59 -30.57 -24.63 -7.78
C LEU B 59 -31.28 -23.45 -8.42
N ILE B 60 -30.69 -22.26 -8.37
CA ILE B 60 -31.22 -21.08 -9.03
C ILE B 60 -30.39 -20.66 -10.23
N PHE B 61 -29.35 -21.42 -10.57
CA PHE B 61 -28.53 -21.13 -11.74
C PHE B 61 -28.77 -22.11 -12.88
N ILE B 62 -29.27 -23.30 -12.60
CA ILE B 62 -29.61 -24.27 -13.63
C ILE B 62 -30.96 -23.90 -14.25
N PRO B 63 -31.97 -23.55 -13.44
CA PRO B 63 -33.23 -23.07 -14.04
C PRO B 63 -33.10 -21.73 -14.74
N ILE B 64 -32.01 -21.00 -14.50
CA ILE B 64 -31.76 -19.77 -15.26
C ILE B 64 -30.97 -20.08 -16.52
N GLY B 65 -29.82 -20.73 -16.37
CA GLY B 65 -29.04 -21.13 -17.54
C GLY B 65 -29.84 -21.93 -18.55
N ILE B 66 -30.91 -22.59 -18.10
CA ILE B 66 -31.79 -23.30 -19.03
C ILE B 66 -32.90 -22.41 -19.56
N GLY B 67 -33.29 -21.38 -18.81
CA GLY B 67 -34.31 -20.46 -19.27
C GLY B 67 -33.78 -19.46 -20.27
N ILE B 68 -32.53 -19.06 -20.12
CA ILE B 68 -31.90 -18.11 -21.03
C ILE B 68 -31.00 -18.83 -22.04
N PHE B 69 -31.21 -20.13 -22.23
CA PHE B 69 -30.53 -20.90 -23.27
C PHE B 69 -31.47 -21.43 -24.32
N VAL B 70 -32.75 -21.60 -23.98
CA VAL B 70 -33.75 -21.90 -25.01
C VAL B 70 -34.23 -20.60 -25.64
N THR B 71 -34.27 -19.51 -24.88
CA THR B 71 -34.57 -18.20 -25.47
C THR B 71 -33.54 -17.84 -26.53
N SER B 72 -32.26 -18.00 -26.21
CA SER B 72 -31.20 -17.71 -27.17
C SER B 72 -31.19 -18.68 -28.34
N ASN B 73 -32.10 -19.65 -28.37
CA ASN B 73 -32.21 -20.58 -29.48
C ASN B 73 -33.45 -20.35 -30.34
N ASN B 74 -34.55 -19.91 -29.73
CA ASN B 74 -35.73 -19.56 -30.50
C ASN B 74 -35.54 -18.32 -31.35
N ILE B 75 -34.49 -17.54 -31.09
CA ILE B 75 -34.20 -16.35 -31.88
C ILE B 75 -33.74 -16.79 -33.27
N ARG B 76 -34.40 -16.27 -34.30
CA ARG B 76 -34.02 -16.53 -35.67
C ARG B 76 -33.09 -15.41 -36.16
N GLU B 77 -32.03 -15.79 -36.86
CA GLU B 77 -31.04 -14.83 -37.29
C GLU B 77 -30.35 -15.36 -38.53
N ILE B 78 -30.02 -14.46 -39.45
CA ILE B 78 -29.33 -14.80 -40.68
C ILE B 78 -28.39 -13.66 -41.03
N GLU B 79 -27.13 -13.98 -41.34
CA GLU B 79 -26.12 -12.99 -41.68
C GLU B 79 -25.48 -13.40 -42.99
N ILE B 80 -25.67 -12.59 -44.02
CA ILE B 80 -25.14 -12.86 -45.35
C ILE B 80 -23.97 -11.92 -45.61
N ASP B 81 -22.85 -12.49 -46.04
CA ASP B 81 -21.63 -11.73 -46.30
C ASP B 81 -21.60 -11.30 -47.75
N TYR B 82 -21.24 -10.04 -48.00
CA TYR B 82 -21.26 -9.52 -49.35
C TYR B 82 -20.04 -8.66 -49.69
N THR B 83 -18.91 -8.87 -49.02
CA THR B 83 -17.72 -8.11 -49.29
C THR B 83 -16.99 -8.57 -50.55
N GLY B 84 -17.58 -9.48 -51.32
CA GLY B 84 -16.93 -9.98 -52.50
C GLY B 84 -15.77 -10.92 -52.19
N THR B 85 -14.58 -10.56 -52.66
CA THR B 85 -13.35 -11.33 -52.45
C THR B 85 -13.43 -12.75 -53.00
N GLU B 86 -14.48 -13.08 -53.75
CA GLU B 86 -14.65 -14.39 -54.34
C GLU B 86 -14.97 -14.23 -55.82
N PRO B 87 -14.33 -15.00 -56.70
CA PRO B 87 -14.66 -14.87 -58.13
C PRO B 87 -16.10 -15.21 -58.45
N SER B 88 -16.70 -16.15 -57.71
CA SER B 88 -18.10 -16.53 -57.90
C SER B 88 -19.04 -15.78 -56.98
N SER B 89 -18.67 -14.56 -56.56
CA SER B 89 -19.51 -13.78 -55.67
C SER B 89 -20.24 -12.71 -56.48
N PRO B 90 -21.57 -12.66 -56.43
CA PRO B 90 -22.28 -11.62 -57.18
C PRO B 90 -21.79 -10.22 -56.91
N CYS B 91 -21.36 -9.94 -55.68
CA CYS B 91 -20.87 -8.63 -55.29
C CYS B 91 -19.37 -8.48 -55.49
N ASN B 92 -18.78 -9.29 -56.37
CA ASN B 92 -17.36 -9.21 -56.67
C ASN B 92 -17.05 -8.33 -57.88
N LYS B 93 -18.04 -8.10 -58.75
CA LYS B 93 -17.82 -7.30 -59.95
C LYS B 93 -17.45 -5.85 -59.63
N CYS B 94 -17.52 -5.43 -58.37
CA CYS B 94 -17.13 -4.08 -58.00
C CYS B 94 -16.31 -4.08 -56.71
N LEU B 95 -15.39 -5.03 -56.60
CA LEU B 95 -14.37 -4.93 -55.56
C LEU B 95 -13.44 -3.76 -55.86
N SER B 96 -13.19 -3.50 -57.14
CA SER B 96 -12.46 -2.31 -57.57
C SER B 96 -13.08 -1.84 -58.88
N PRO B 97 -14.22 -1.16 -58.81
CA PRO B 97 -14.96 -0.82 -60.03
C PRO B 97 -14.37 0.39 -60.74
N ASP B 98 -14.61 0.44 -62.04
CA ASP B 98 -14.14 1.55 -62.85
C ASP B 98 -15.12 2.72 -62.83
N VAL B 99 -16.42 2.43 -62.89
CA VAL B 99 -17.47 3.44 -62.87
C VAL B 99 -18.35 3.19 -61.65
N THR B 100 -18.46 4.21 -60.80
CA THR B 100 -19.36 4.19 -59.67
C THR B 100 -20.66 4.91 -60.01
N PRO B 101 -21.73 4.65 -59.24
CA PRO B 101 -21.75 3.72 -58.11
C PRO B 101 -21.93 2.28 -58.55
N CYS B 102 -21.42 1.34 -57.75
CA CYS B 102 -21.60 -0.06 -58.05
C CYS B 102 -23.03 -0.50 -57.74
N PHE B 103 -23.32 -1.76 -58.02
CA PHE B 103 -24.57 -2.40 -57.66
C PHE B 103 -24.33 -3.90 -57.60
N CYS B 104 -25.07 -4.58 -56.75
CA CYS B 104 -24.92 -6.02 -56.62
C CYS B 104 -26.09 -6.60 -55.84
N THR B 105 -26.69 -7.68 -56.36
CA THR B 105 -27.80 -8.35 -55.72
C THR B 105 -27.36 -9.72 -55.22
N ILE B 106 -27.78 -10.06 -54.00
CA ILE B 106 -27.44 -11.33 -53.38
C ILE B 106 -28.73 -11.98 -52.91
N ASN B 107 -28.92 -13.25 -53.24
CA ASN B 107 -30.12 -13.98 -52.89
C ASN B 107 -29.86 -14.84 -51.67
N PHE B 108 -30.68 -14.66 -50.64
CA PHE B 108 -30.68 -15.53 -49.48
C PHE B 108 -32.05 -16.21 -49.38
N THR B 109 -32.17 -17.14 -48.45
CA THR B 109 -33.38 -17.95 -48.32
C THR B 109 -33.74 -18.09 -46.84
N LEU B 110 -34.94 -17.64 -46.48
CA LEU B 110 -35.46 -17.78 -45.12
C LEU B 110 -36.32 -19.04 -45.09
N GLU B 111 -35.80 -20.08 -44.44
CA GLU B 111 -36.55 -21.34 -44.36
C GLU B 111 -37.62 -21.29 -43.27
N LYS B 112 -37.39 -20.52 -42.22
CA LYS B 112 -38.36 -20.35 -41.15
C LYS B 112 -38.66 -18.88 -40.98
N SER B 113 -39.90 -18.48 -41.21
CA SER B 113 -40.28 -17.08 -41.20
C SER B 113 -39.95 -16.44 -39.86
N PHE B 114 -39.65 -15.14 -39.91
CA PHE B 114 -39.39 -14.37 -38.70
C PHE B 114 -40.72 -13.89 -38.12
N GLU B 115 -40.89 -14.06 -36.81
CA GLU B 115 -42.20 -13.86 -36.20
C GLU B 115 -42.40 -12.44 -35.67
N GLY B 116 -41.54 -12.00 -34.75
CA GLY B 116 -41.71 -10.69 -34.16
C GLY B 116 -41.28 -9.58 -35.10
N ASN B 117 -40.77 -8.50 -34.55
CA ASN B 117 -40.17 -7.43 -35.34
C ASN B 117 -38.68 -7.68 -35.46
N VAL B 118 -38.16 -7.64 -36.68
CA VAL B 118 -36.79 -8.01 -36.95
C VAL B 118 -35.92 -6.75 -36.95
N PHE B 119 -34.62 -6.95 -36.84
CA PHE B 119 -33.65 -5.87 -36.76
C PHE B 119 -32.55 -6.13 -37.77
N MET B 120 -32.39 -5.24 -38.74
CA MET B 120 -31.36 -5.37 -39.76
C MET B 120 -30.10 -4.65 -39.29
N TYR B 121 -28.97 -5.34 -39.34
CA TYR B 121 -27.69 -4.82 -38.88
C TYR B 121 -26.72 -4.76 -40.05
N TYR B 122 -25.48 -4.40 -39.74
CA TYR B 122 -24.37 -4.54 -40.68
C TYR B 122 -23.09 -4.64 -39.88
N GLY B 123 -22.21 -5.56 -40.27
CA GLY B 123 -21.01 -5.79 -39.51
C GLY B 123 -19.75 -5.52 -40.29
N LEU B 124 -18.63 -5.37 -39.58
CA LEU B 124 -17.35 -5.14 -40.21
C LEU B 124 -16.28 -5.79 -39.35
N SER B 125 -15.38 -6.52 -40.00
CA SER B 125 -14.25 -7.14 -39.33
C SER B 125 -12.96 -6.44 -39.74
N ASN B 126 -11.94 -6.59 -38.91
CA ASN B 126 -10.66 -5.90 -39.07
C ASN B 126 -10.81 -4.40 -39.03
N PHE B 127 -11.95 -3.89 -38.57
CA PHE B 127 -12.21 -2.46 -38.48
C PHE B 127 -12.02 -2.05 -37.03
N TYR B 128 -10.94 -1.35 -36.74
CA TYR B 128 -10.60 -0.96 -35.37
C TYR B 128 -11.18 0.41 -35.10
N GLN B 129 -12.45 0.44 -34.72
CA GLN B 129 -13.05 1.67 -34.23
C GLN B 129 -12.63 1.99 -32.81
N ASN B 130 -12.13 1.01 -32.07
CA ASN B 130 -11.61 1.19 -30.72
C ASN B 130 -10.10 1.41 -30.74
N HIS B 131 -9.62 2.35 -31.53
CA HIS B 131 -8.20 2.65 -31.64
C HIS B 131 -7.93 4.01 -31.00
N ARG B 132 -6.85 4.08 -30.22
CA ARG B 132 -6.59 5.30 -29.45
C ARG B 132 -6.57 6.53 -30.34
N ARG B 133 -5.90 6.44 -31.48
CA ARG B 133 -5.82 7.57 -32.40
C ARG B 133 -7.14 7.82 -33.14
N TYR B 134 -8.12 6.94 -32.98
CA TYR B 134 -9.39 7.00 -33.68
C TYR B 134 -10.55 7.30 -32.74
N VAL B 135 -10.60 6.62 -31.60
CA VAL B 135 -11.67 6.87 -30.63
C VAL B 135 -11.69 8.33 -30.22
N LYS B 136 -10.51 8.94 -30.12
CA LYS B 136 -10.36 10.31 -29.62
C LYS B 136 -10.44 11.35 -30.73
N SER B 137 -10.87 10.96 -31.92
CA SER B 137 -10.81 11.82 -33.11
C SER B 137 -12.13 12.52 -33.37
N ARG B 138 -12.86 12.93 -32.34
CA ARG B 138 -14.11 13.64 -32.51
C ARG B 138 -14.05 14.95 -31.73
N ASP B 139 -15.06 15.79 -31.97
CA ASP B 139 -15.23 17.07 -31.26
C ASP B 139 -16.59 17.02 -30.59
N ASP B 140 -16.63 16.48 -29.37
CA ASP B 140 -17.91 16.23 -28.71
C ASP B 140 -18.63 17.52 -28.37
N SER B 141 -17.90 18.64 -28.26
CA SER B 141 -18.53 19.93 -28.02
C SER B 141 -19.06 20.55 -29.31
N GLN B 142 -18.55 20.13 -30.46
CA GLN B 142 -19.05 20.64 -31.74
C GLN B 142 -20.34 19.95 -32.15
N LEU B 143 -20.42 18.63 -31.93
CA LEU B 143 -21.63 17.87 -32.23
C LEU B 143 -22.76 18.14 -31.25
N ASN B 144 -22.55 19.00 -30.26
CA ASN B 144 -23.56 19.31 -29.26
C ASN B 144 -24.19 20.68 -29.47
N GLY B 145 -24.04 21.26 -30.65
CA GLY B 145 -24.65 22.54 -30.95
C GLY B 145 -23.91 23.74 -30.42
N ASP B 146 -22.65 23.58 -30.03
CA ASP B 146 -21.88 24.71 -29.52
C ASP B 146 -21.59 25.69 -30.64
N SER B 147 -22.05 26.93 -30.49
CA SER B 147 -21.85 27.93 -31.53
C SER B 147 -20.37 28.21 -31.79
N SER B 148 -19.53 28.07 -30.76
CA SER B 148 -18.12 28.40 -30.89
C SER B 148 -17.28 27.24 -31.38
N ALA B 149 -17.67 26.00 -31.08
CA ALA B 149 -16.90 24.85 -31.54
C ALA B 149 -17.14 24.56 -33.01
N LEU B 150 -18.33 24.87 -33.52
CA LEU B 150 -18.63 24.61 -34.92
C LEU B 150 -17.62 25.26 -35.85
N LEU B 151 -17.16 26.46 -35.49
CA LEU B 151 -16.29 27.22 -36.38
C LEU B 151 -14.81 26.86 -36.18
N ASN B 152 -14.37 26.71 -34.93
CA ASN B 152 -13.00 26.31 -34.62
C ASN B 152 -13.05 24.95 -33.94
N PRO B 153 -13.04 23.86 -34.70
CA PRO B 153 -13.12 22.52 -34.10
C PRO B 153 -11.92 22.24 -33.20
N SER B 154 -11.94 21.09 -32.53
CA SER B 154 -10.88 20.74 -31.61
C SER B 154 -9.58 20.43 -32.36
N LYS B 155 -8.55 20.06 -31.59
CA LYS B 155 -7.27 19.68 -32.14
C LYS B 155 -7.01 18.18 -32.07
N GLU B 156 -7.91 17.43 -31.43
CA GLU B 156 -7.78 15.97 -31.41
C GLU B 156 -8.20 15.37 -32.74
N CYS B 157 -9.18 15.96 -33.41
CA CYS B 157 -9.56 15.57 -34.76
C CYS B 157 -8.67 16.29 -35.79
N GLU B 158 -7.36 16.16 -35.63
CA GLU B 158 -6.41 17.02 -36.32
C GLU B 158 -6.40 16.77 -37.83
N PRO B 159 -6.00 15.59 -38.29
CA PRO B 159 -5.89 15.38 -39.74
C PRO B 159 -7.15 15.77 -40.49
N TYR B 160 -8.31 15.35 -40.01
CA TYR B 160 -9.59 15.74 -40.59
C TYR B 160 -10.21 16.91 -39.81
N ARG B 161 -9.46 18.01 -39.75
CA ARG B 161 -9.91 19.19 -39.01
C ARG B 161 -10.07 20.42 -39.87
N ARG B 162 -9.39 20.51 -41.01
CA ARG B 162 -9.53 21.66 -41.90
C ARG B 162 -9.10 21.26 -43.30
N ASN B 163 -9.83 21.76 -44.30
CA ASN B 163 -9.44 21.59 -45.69
C ASN B 163 -10.04 22.75 -46.47
N GLU B 164 -9.29 23.25 -47.45
CA GLU B 164 -9.63 24.47 -48.19
C GLU B 164 -9.56 25.70 -47.29
N ASP B 165 -8.89 25.59 -46.15
CA ASP B 165 -8.82 26.68 -45.17
C ASP B 165 -10.14 26.87 -44.44
N LYS B 166 -11.00 25.87 -44.48
CA LYS B 166 -12.30 25.90 -43.82
C LYS B 166 -12.41 24.77 -42.82
N PRO B 167 -13.17 24.95 -41.75
CA PRO B 167 -13.30 23.90 -40.73
C PRO B 167 -14.33 22.86 -41.16
N ILE B 168 -13.90 21.60 -41.17
CA ILE B 168 -14.81 20.51 -41.51
C ILE B 168 -15.95 20.47 -40.50
N ALA B 169 -17.18 20.38 -40.99
CA ALA B 169 -18.33 20.48 -40.09
C ALA B 169 -18.29 19.34 -39.07
N PRO B 170 -18.47 18.08 -39.47
CA PRO B 170 -18.19 16.97 -38.53
C PRO B 170 -16.71 16.58 -38.54
N CYS B 171 -15.91 17.35 -37.80
CA CYS B 171 -14.47 17.09 -37.76
C CYS B 171 -14.20 15.70 -37.20
N GLY B 172 -13.05 15.15 -37.58
CA GLY B 172 -12.57 13.92 -37.01
C GLY B 172 -12.54 12.78 -38.01
N ALA B 173 -11.96 11.67 -37.56
CA ALA B 173 -11.94 10.45 -38.35
C ALA B 173 -13.17 9.59 -38.16
N ILE B 174 -13.79 9.65 -36.98
CA ILE B 174 -14.98 8.84 -36.72
C ILE B 174 -16.13 9.26 -37.64
N MET B 175 -16.23 10.55 -37.93
CA MET B 175 -17.28 11.06 -38.80
C MET B 175 -16.89 11.05 -40.27
N ASN B 176 -15.60 11.05 -40.58
CA ASN B 176 -15.17 11.10 -41.97
C ASN B 176 -15.29 9.75 -42.65
N SER B 177 -15.31 8.66 -41.88
CA SER B 177 -15.36 7.31 -42.43
C SER B 177 -16.72 6.66 -42.21
N MET B 178 -17.79 7.44 -42.22
CA MET B 178 -19.12 6.89 -42.00
C MET B 178 -19.41 5.79 -43.03
N PHE B 179 -20.09 4.75 -42.57
CA PHE B 179 -20.50 3.66 -43.44
C PHE B 179 -21.67 4.12 -44.31
N ASN B 180 -21.54 3.95 -45.62
CA ASN B 180 -22.50 4.52 -46.55
C ASN B 180 -22.85 3.54 -47.66
N ASP B 181 -23.09 2.28 -47.30
CA ASP B 181 -23.72 1.35 -48.22
C ASP B 181 -25.23 1.48 -48.12
N THR B 182 -25.92 1.11 -49.20
CA THR B 182 -27.38 1.18 -49.27
C THR B 182 -27.92 -0.22 -49.45
N LEU B 183 -28.29 -0.87 -48.35
CA LEU B 183 -28.80 -2.23 -48.38
C LEU B 183 -30.32 -2.21 -48.45
N GLU B 184 -30.87 -2.79 -49.51
CA GLU B 184 -32.31 -2.91 -49.68
C GLU B 184 -32.68 -4.39 -49.75
N LEU B 185 -33.88 -4.70 -49.30
CA LEU B 185 -34.38 -6.06 -49.28
C LEU B 185 -35.62 -6.18 -50.16
N PHE B 186 -35.78 -7.35 -50.79
CA PHE B 186 -36.93 -7.64 -51.62
C PHE B 186 -37.35 -9.08 -51.39
N LEU B 187 -38.65 -9.33 -51.53
CA LEU B 187 -39.22 -10.66 -51.37
C LEU B 187 -39.71 -11.13 -52.73
N ILE B 188 -39.19 -12.27 -53.19
CA ILE B 188 -39.59 -12.81 -54.49
C ILE B 188 -40.92 -13.53 -54.32
N GLY B 189 -42.02 -12.81 -54.50
CA GLY B 189 -43.34 -13.35 -54.26
C GLY B 189 -43.71 -14.47 -55.21
N GLN B 190 -44.98 -14.91 -55.15
CA GLN B 190 -45.44 -15.94 -56.07
C GLN B 190 -45.14 -15.58 -57.53
N ASP B 191 -45.21 -14.29 -57.86
CA ASP B 191 -44.81 -13.83 -59.17
C ASP B 191 -43.31 -13.59 -59.20
N SER B 192 -42.76 -13.50 -60.42
CA SER B 192 -41.35 -13.15 -60.57
C SER B 192 -41.04 -11.77 -60.02
N TYR B 193 -42.04 -10.91 -59.91
CA TYR B 193 -41.80 -9.55 -59.44
C TYR B 193 -41.54 -9.56 -57.93
N PRO B 194 -40.55 -8.81 -57.45
CA PRO B 194 -40.30 -8.74 -56.01
C PRO B 194 -41.02 -7.58 -55.35
N ILE B 195 -41.47 -7.82 -54.12
CA ILE B 195 -42.16 -6.81 -53.33
C ILE B 195 -41.19 -6.30 -52.27
N PRO B 196 -40.83 -5.03 -52.28
CA PRO B 196 -39.82 -4.52 -51.34
C PRO B 196 -40.40 -4.38 -49.94
N ILE B 197 -39.71 -4.96 -48.97
CA ILE B 197 -40.12 -4.82 -47.56
C ILE B 197 -39.67 -3.47 -47.06
N ALA B 198 -40.52 -2.83 -46.26
CA ALA B 198 -40.28 -1.46 -45.82
C ALA B 198 -39.40 -1.46 -44.58
N LEU B 199 -38.25 -0.79 -44.67
CA LEU B 199 -37.33 -0.65 -43.55
C LEU B 199 -37.56 0.69 -42.87
N LYS B 200 -37.65 0.67 -41.54
CA LYS B 200 -37.88 1.87 -40.76
C LYS B 200 -36.55 2.44 -40.30
N LYS B 201 -36.25 3.66 -40.76
CA LYS B 201 -34.94 4.25 -40.50
C LYS B 201 -34.85 4.84 -39.10
N LYS B 202 -35.77 5.75 -38.76
CA LYS B 202 -35.68 6.47 -37.50
C LYS B 202 -35.94 5.55 -36.31
N GLY B 203 -35.21 5.76 -35.24
CA GLY B 203 -35.37 4.99 -34.03
C GLY B 203 -34.31 3.94 -33.79
N ILE B 204 -33.06 4.18 -34.19
CA ILE B 204 -32.00 3.20 -34.07
C ILE B 204 -30.84 3.70 -33.22
N ALA B 205 -30.90 4.94 -32.74
CA ALA B 205 -29.84 5.50 -31.89
C ALA B 205 -30.39 5.72 -30.49
N TRP B 206 -29.52 5.56 -29.49
CA TRP B 206 -29.88 5.80 -28.11
C TRP B 206 -30.71 7.06 -27.99
N TRP B 207 -31.87 6.94 -27.32
CA TRP B 207 -32.74 8.11 -27.16
C TRP B 207 -31.97 9.28 -26.54
N THR B 208 -31.08 8.99 -25.60
CA THR B 208 -30.39 10.06 -24.90
C THR B 208 -29.40 10.76 -25.82
N ASP B 209 -28.59 10.01 -26.56
CA ASP B 209 -27.55 10.57 -27.39
C ASP B 209 -28.05 11.00 -28.77
N LYS B 210 -29.36 11.16 -28.93
CA LYS B 210 -29.92 11.80 -30.11
C LYS B 210 -30.73 13.03 -29.76
N ASN B 211 -31.52 12.97 -28.68
CA ASN B 211 -32.33 14.10 -28.24
C ASN B 211 -31.58 15.03 -27.29
N VAL B 212 -30.44 14.60 -26.75
CA VAL B 212 -29.72 15.41 -25.77
C VAL B 212 -28.27 15.61 -26.20
N LYS B 213 -27.56 14.50 -26.46
CA LYS B 213 -26.12 14.58 -26.66
C LYS B 213 -25.75 15.03 -28.07
N PHE B 214 -26.56 14.72 -29.07
CA PHE B 214 -26.32 15.12 -30.45
C PHE B 214 -27.38 16.16 -30.81
N ARG B 215 -26.98 17.44 -30.82
CA ARG B 215 -27.86 18.53 -31.16
C ARG B 215 -27.31 19.30 -32.35
N ASN B 216 -28.20 19.93 -33.10
CA ASN B 216 -27.83 20.74 -34.25
C ASN B 216 -27.17 22.03 -33.79
N PRO B 217 -26.72 22.88 -34.70
CA PRO B 217 -26.12 24.16 -34.30
C PRO B 217 -27.14 25.02 -33.58
N PRO B 218 -26.73 26.21 -33.11
CA PRO B 218 -27.56 26.96 -32.17
C PRO B 218 -28.91 27.42 -32.71
N GLY B 219 -28.92 28.15 -33.81
CA GLY B 219 -30.15 28.81 -34.24
C GLY B 219 -30.22 28.97 -35.74
N GLY B 220 -31.45 29.09 -36.21
CA GLY B 220 -31.72 29.27 -37.62
C GLY B 220 -33.04 28.62 -38.00
N ASP B 221 -33.45 28.86 -39.24
CA ASP B 221 -34.69 28.30 -39.75
C ASP B 221 -34.45 27.00 -40.50
N ASN B 222 -33.61 27.03 -41.53
CA ASN B 222 -33.24 25.85 -42.31
C ASN B 222 -31.79 25.49 -42.02
N LEU B 223 -31.52 24.19 -41.94
CA LEU B 223 -30.20 23.73 -41.51
C LEU B 223 -29.09 24.17 -42.45
N GLU B 224 -29.39 24.45 -43.72
CA GLU B 224 -28.36 24.84 -44.66
C GLU B 224 -27.65 26.12 -44.27
N GLU B 225 -28.22 26.91 -43.37
CA GLU B 225 -27.62 28.16 -42.93
C GLU B 225 -26.73 27.98 -41.71
N ARG B 226 -27.21 27.25 -40.70
CA ARG B 226 -26.45 27.09 -39.46
C ARG B 226 -25.02 26.65 -39.71
N PHE B 227 -24.76 25.99 -40.84
CA PHE B 227 -23.40 25.60 -41.23
C PHE B 227 -22.93 26.56 -42.32
N LYS B 228 -22.41 27.71 -41.88
CA LYS B 228 -22.00 28.75 -42.82
C LYS B 228 -20.52 28.64 -43.20
N GLY B 229 -19.63 28.75 -42.20
CA GLY B 229 -18.21 28.73 -42.49
C GLY B 229 -17.61 27.35 -42.43
N THR B 230 -18.45 26.33 -42.39
CA THR B 230 -18.00 24.95 -42.30
C THR B 230 -18.00 24.29 -43.67
N THR B 231 -17.25 23.20 -43.78
CA THR B 231 -17.16 22.41 -44.99
C THR B 231 -17.57 20.97 -44.69
N LYS B 232 -17.84 20.22 -45.74
CA LYS B 232 -18.21 18.82 -45.58
C LYS B 232 -16.95 17.96 -45.43
N PRO B 233 -17.03 16.88 -44.65
CA PRO B 233 -15.86 16.01 -44.49
C PRO B 233 -15.27 15.61 -45.83
N VAL B 234 -14.01 15.19 -45.82
CA VAL B 234 -13.30 14.98 -47.08
C VAL B 234 -13.90 13.81 -47.85
N ASN B 235 -14.27 12.74 -47.15
CA ASN B 235 -14.73 11.53 -47.81
C ASN B 235 -16.23 11.51 -48.10
N TRP B 236 -16.98 12.48 -47.58
CA TRP B 236 -18.41 12.49 -47.82
C TRP B 236 -18.72 13.03 -49.21
N LEU B 237 -19.93 12.74 -49.67
CA LEU B 237 -20.43 13.25 -50.93
C LEU B 237 -21.37 14.45 -50.75
N LYS B 238 -22.15 14.46 -49.68
CA LYS B 238 -23.08 15.53 -49.39
C LYS B 238 -22.85 16.08 -47.99
N PRO B 239 -22.98 17.39 -47.80
CA PRO B 239 -22.71 17.98 -46.47
C PRO B 239 -23.63 17.40 -45.41
N VAL B 240 -23.31 17.71 -44.16
CA VAL B 240 -24.07 17.18 -43.04
C VAL B 240 -25.49 17.75 -42.99
N TYR B 241 -25.74 18.88 -43.65
CA TYR B 241 -27.08 19.46 -43.70
C TYR B 241 -27.89 18.92 -44.86
N MET B 242 -27.41 17.87 -45.53
CA MET B 242 -28.16 17.21 -46.60
C MET B 242 -28.19 15.71 -46.41
N LEU B 243 -27.92 15.23 -45.19
CA LEU B 243 -27.90 13.79 -44.94
C LEU B 243 -29.28 13.18 -45.20
N ASP B 244 -30.34 13.83 -44.74
CA ASP B 244 -31.68 13.30 -44.90
C ASP B 244 -32.66 14.46 -45.11
N SER B 245 -33.78 14.14 -45.76
CA SER B 245 -34.82 15.12 -46.03
C SER B 245 -35.84 15.23 -44.90
N ASP B 246 -35.46 14.84 -43.69
CA ASP B 246 -36.34 14.90 -42.53
C ASP B 246 -35.78 15.91 -41.54
N PRO B 247 -36.43 17.06 -41.35
CA PRO B 247 -35.86 18.10 -40.46
C PRO B 247 -35.39 17.58 -39.11
N ASP B 248 -35.97 16.48 -38.61
CA ASP B 248 -35.51 15.88 -37.37
C ASP B 248 -34.57 14.71 -37.60
N ASN B 249 -34.05 14.56 -38.82
CA ASN B 249 -33.09 13.52 -39.16
C ASN B 249 -32.03 14.05 -40.12
N ASN B 250 -31.71 15.34 -40.03
CA ASN B 250 -30.97 16.02 -41.09
C ASN B 250 -29.49 16.18 -40.77
N GLY B 251 -29.15 16.81 -39.65
CA GLY B 251 -27.75 17.07 -39.37
C GLY B 251 -27.38 16.97 -37.91
N PHE B 252 -26.37 16.14 -37.61
CA PHE B 252 -25.89 15.95 -36.24
C PHE B 252 -26.88 15.14 -35.43
N ILE B 253 -28.05 14.86 -35.99
CA ILE B 253 -29.06 14.05 -35.31
C ILE B 253 -29.50 12.93 -36.23
N ASN B 254 -28.78 12.75 -37.33
CA ASN B 254 -29.07 11.66 -38.25
C ASN B 254 -28.79 10.33 -37.55
N GLU B 255 -29.80 9.46 -37.52
CA GLU B 255 -29.65 8.17 -36.85
C GLU B 255 -28.45 7.41 -37.38
N ASP B 256 -28.36 7.26 -38.71
CA ASP B 256 -27.23 6.55 -39.29
C ASP B 256 -25.90 7.20 -38.90
N PHE B 257 -25.91 8.50 -38.63
CA PHE B 257 -24.70 9.18 -38.19
C PHE B 257 -24.48 9.01 -36.69
N ILE B 258 -25.56 9.16 -35.90
CA ILE B 258 -25.45 9.00 -34.46
C ILE B 258 -25.06 7.58 -34.09
N VAL B 259 -25.42 6.61 -34.94
CA VAL B 259 -25.11 5.22 -34.63
C VAL B 259 -23.67 4.88 -35.01
N TRP B 260 -23.13 5.50 -36.05
CA TRP B 260 -21.76 5.23 -36.43
C TRP B 260 -20.76 5.88 -35.48
N MET B 261 -21.10 7.04 -34.93
CA MET B 261 -20.19 7.78 -34.04
C MET B 261 -20.06 7.16 -32.68
N ARG B 262 -20.59 5.96 -32.45
CA ARG B 262 -20.45 5.26 -31.17
C ARG B 262 -19.51 4.08 -31.41
N THR B 263 -18.23 4.28 -31.12
CA THR B 263 -17.20 3.30 -31.44
C THR B 263 -17.56 1.92 -30.93
N ALA B 264 -16.94 0.88 -31.49
CA ALA B 264 -17.49 -0.47 -31.43
C ALA B 264 -16.96 -1.32 -30.28
N ALA B 265 -15.82 -0.97 -29.70
CA ALA B 265 -15.20 -1.67 -28.58
C ALA B 265 -14.49 -2.96 -29.01
N LEU B 266 -14.59 -3.38 -30.27
CA LEU B 266 -13.89 -4.56 -30.74
C LEU B 266 -13.68 -4.44 -32.23
N PRO B 267 -12.75 -5.21 -32.81
CA PRO B 267 -12.47 -5.06 -34.24
C PRO B 267 -13.57 -5.62 -35.14
N THR B 268 -14.44 -6.47 -34.63
CA THR B 268 -15.56 -7.02 -35.39
C THR B 268 -16.84 -6.64 -34.66
N PHE B 269 -17.63 -5.75 -35.26
CA PHE B 269 -18.77 -5.16 -34.59
C PHE B 269 -19.99 -5.20 -35.49
N ARG B 270 -21.15 -4.97 -34.89
CA ARG B 270 -22.41 -4.80 -35.59
C ARG B 270 -23.01 -3.45 -35.22
N LYS B 271 -23.66 -2.81 -36.18
CA LYS B 271 -24.27 -1.50 -35.96
C LYS B 271 -25.68 -1.52 -36.54
N LEU B 272 -26.65 -1.15 -35.73
CA LEU B 272 -28.04 -1.18 -36.19
C LEU B 272 -28.20 -0.28 -37.40
N TYR B 273 -28.85 -0.80 -38.44
CA TYR B 273 -29.02 -0.11 -39.70
C TYR B 273 -30.47 0.27 -39.94
N ARG B 274 -31.38 -0.69 -39.89
CA ARG B 274 -32.81 -0.44 -40.03
C ARG B 274 -33.54 -1.38 -39.08
N LEU B 275 -34.86 -1.25 -39.04
CA LEU B 275 -35.70 -2.15 -38.27
C LEU B 275 -37.01 -2.32 -39.02
N ILE B 276 -37.55 -3.54 -38.98
CA ILE B 276 -38.73 -3.88 -39.76
C ILE B 276 -39.88 -4.16 -38.81
N GLU B 277 -40.70 -3.13 -38.55
CA GLU B 277 -41.80 -3.27 -37.62
C GLU B 277 -42.67 -4.47 -37.96
N ARG B 278 -43.26 -5.08 -36.94
CA ARG B 278 -44.15 -6.20 -37.14
C ARG B 278 -45.51 -5.71 -37.63
N LYS B 279 -46.11 -6.49 -38.53
CA LYS B 279 -47.37 -6.09 -39.14
C LYS B 279 -48.52 -6.21 -38.13
N SER B 280 -49.51 -5.33 -38.29
CA SER B 280 -50.63 -5.31 -37.36
C SER B 280 -51.40 -6.63 -37.38
N ASP B 281 -51.40 -7.31 -38.51
CA ASP B 281 -52.04 -8.62 -38.60
C ASP B 281 -51.16 -9.66 -37.94
N LEU B 282 -51.54 -10.93 -38.05
CA LEU B 282 -50.77 -12.02 -37.45
C LEU B 282 -49.73 -12.60 -38.38
N HIS B 283 -49.74 -12.23 -39.67
CA HIS B 283 -48.76 -12.75 -40.59
C HIS B 283 -47.34 -12.43 -40.12
N PRO B 284 -46.36 -13.20 -40.58
CA PRO B 284 -44.99 -13.00 -40.10
C PRO B 284 -44.38 -11.73 -40.66
N THR B 285 -43.32 -11.27 -39.98
CA THR B 285 -42.62 -10.07 -40.41
C THR B 285 -41.74 -10.32 -41.62
N LEU B 286 -41.20 -11.53 -41.76
CA LEU B 286 -40.39 -11.91 -42.91
C LEU B 286 -40.79 -13.31 -43.33
N PRO B 287 -41.79 -13.43 -44.21
CA PRO B 287 -42.26 -14.76 -44.60
C PRO B 287 -41.17 -15.58 -45.25
N ALA B 288 -41.16 -16.87 -44.95
CA ALA B 288 -40.16 -17.77 -45.52
C ALA B 288 -40.24 -17.75 -47.04
N GLY B 289 -39.09 -17.64 -47.69
CA GLY B 289 -39.05 -17.60 -49.14
C GLY B 289 -37.69 -17.15 -49.63
N ARG B 290 -37.64 -16.77 -50.89
CA ARG B 290 -36.42 -16.31 -51.55
C ARG B 290 -36.41 -14.80 -51.59
N TYR B 291 -35.34 -14.19 -51.08
CA TYR B 291 -35.23 -12.76 -50.95
C TYR B 291 -34.12 -12.22 -51.86
N TRP B 292 -34.17 -10.91 -52.09
CA TRP B 292 -33.13 -10.20 -52.81
C TRP B 292 -32.48 -9.20 -51.87
N LEU B 293 -31.15 -9.19 -51.83
CA LEU B 293 -30.39 -8.22 -51.06
C LEU B 293 -29.51 -7.46 -52.04
N ASN B 294 -30.07 -6.41 -52.65
CA ASN B 294 -29.34 -5.60 -53.61
C ASN B 294 -28.72 -4.42 -52.89
N VAL B 295 -27.39 -4.36 -52.89
CA VAL B 295 -26.64 -3.36 -52.15
C VAL B 295 -25.93 -2.44 -53.13
N THR B 296 -25.84 -1.16 -52.77
CA THR B 296 -25.05 -0.19 -53.53
C THR B 296 -23.66 -0.16 -52.90
N TYR B 297 -22.73 -0.89 -53.50
CA TYR B 297 -21.39 -1.08 -52.93
C TYR B 297 -20.62 0.23 -53.01
N ASN B 298 -20.59 0.96 -51.90
CA ASN B 298 -19.83 2.20 -51.79
C ASN B 298 -18.64 2.11 -50.87
N TYR B 299 -18.77 1.39 -49.75
CA TYR B 299 -17.78 1.39 -48.69
C TYR B 299 -16.69 0.36 -48.96
N PRO B 300 -15.45 0.79 -49.21
CA PRO B 300 -14.35 -0.16 -49.46
C PRO B 300 -13.77 -0.69 -48.16
N VAL B 301 -13.87 -2.00 -47.96
CA VAL B 301 -13.40 -2.64 -46.74
C VAL B 301 -12.40 -3.74 -47.01
N HIS B 302 -11.88 -3.83 -48.22
CA HIS B 302 -10.90 -4.86 -48.56
C HIS B 302 -9.47 -4.36 -48.47
N TYR B 303 -9.26 -3.05 -48.55
CA TYR B 303 -7.91 -2.50 -48.44
C TYR B 303 -7.19 -3.02 -47.20
N PHE B 304 -7.92 -3.20 -46.11
CA PHE B 304 -7.33 -3.64 -44.84
C PHE B 304 -7.83 -5.03 -44.43
N ASP B 305 -8.20 -5.85 -45.41
CA ASP B 305 -8.61 -7.23 -45.16
C ASP B 305 -9.78 -7.30 -44.19
N GLY B 306 -10.81 -6.51 -44.48
CA GLY B 306 -12.00 -6.46 -43.65
C GLY B 306 -13.20 -7.02 -44.38
N ARG B 307 -14.05 -7.75 -43.65
CA ARG B 307 -15.27 -8.30 -44.21
C ARG B 307 -16.41 -7.30 -44.06
N LYS B 308 -17.55 -7.63 -44.67
CA LYS B 308 -18.70 -6.72 -44.71
C LYS B 308 -19.94 -7.55 -44.95
N ARG B 309 -20.82 -7.62 -43.96
CA ARG B 309 -21.99 -8.49 -44.04
C ARG B 309 -23.23 -7.75 -43.56
N MET B 310 -24.38 -8.35 -43.85
CA MET B 310 -25.67 -7.90 -43.34
C MET B 310 -26.22 -8.95 -42.39
N ILE B 311 -27.02 -8.51 -41.42
CA ILE B 311 -27.50 -9.38 -40.36
C ILE B 311 -28.94 -9.02 -40.05
N LEU B 312 -29.87 -9.90 -40.42
CA LEU B 312 -31.24 -9.79 -39.95
C LEU B 312 -31.40 -10.66 -38.69
N SER B 313 -32.36 -10.28 -37.86
CA SER B 313 -32.50 -11.00 -36.60
C SER B 313 -33.72 -10.49 -35.85
N THR B 314 -34.25 -11.35 -34.99
CA THR B 314 -35.28 -10.99 -34.02
C THR B 314 -34.65 -10.99 -32.63
N ILE B 315 -35.32 -10.32 -31.69
CA ILE B 315 -34.75 -10.15 -30.36
C ILE B 315 -35.66 -10.74 -29.30
N SER B 316 -35.23 -10.64 -28.05
CA SER B 316 -35.98 -11.10 -26.90
C SER B 316 -35.54 -10.27 -25.71
N TRP B 317 -36.21 -10.49 -24.57
CA TRP B 317 -35.87 -9.75 -23.35
C TRP B 317 -34.37 -9.79 -23.08
N MET B 318 -33.69 -10.81 -23.57
CA MET B 318 -32.25 -10.97 -23.32
C MET B 318 -31.38 -10.28 -24.37
N GLY B 319 -31.94 -9.96 -25.53
CA GLY B 319 -31.16 -9.30 -26.56
C GLY B 319 -31.16 -10.04 -27.88
N GLY B 320 -30.01 -10.56 -28.29
CA GLY B 320 -29.92 -11.31 -29.52
C GLY B 320 -29.62 -12.77 -29.29
N LYS B 321 -28.99 -13.43 -30.25
CA LYS B 321 -28.66 -14.85 -30.14
C LYS B 321 -27.23 -14.99 -29.64
N ASN B 322 -27.09 -15.24 -28.35
CA ASN B 322 -25.78 -15.47 -27.75
C ASN B 322 -25.88 -16.61 -26.74
N PRO B 323 -25.22 -17.74 -27.01
CA PRO B 323 -25.29 -18.89 -26.10
C PRO B 323 -24.29 -18.87 -24.96
N PHE B 324 -23.64 -17.75 -24.68
CA PHE B 324 -22.66 -17.71 -23.60
C PHE B 324 -23.33 -17.69 -22.24
N LEU B 325 -24.34 -16.83 -22.06
CA LEU B 325 -25.04 -16.79 -20.79
C LEU B 325 -25.76 -18.10 -20.51
N GLY B 326 -26.32 -18.72 -21.56
CA GLY B 326 -27.00 -19.98 -21.37
C GLY B 326 -26.06 -21.08 -20.88
N ILE B 327 -24.96 -21.30 -21.60
CA ILE B 327 -24.02 -22.36 -21.24
C ILE B 327 -23.04 -21.94 -20.15
N ALA B 328 -23.17 -20.72 -19.63
CA ALA B 328 -22.34 -20.28 -18.51
C ALA B 328 -23.06 -20.34 -17.18
N TYR B 329 -24.39 -20.21 -17.18
CA TYR B 329 -25.16 -20.37 -15.96
C TYR B 329 -25.36 -21.84 -15.62
N ILE B 330 -25.22 -22.73 -16.59
CA ILE B 330 -25.33 -24.16 -16.33
C ILE B 330 -23.99 -24.75 -15.95
N ALA B 331 -22.90 -24.22 -16.54
CA ALA B 331 -21.58 -24.72 -16.19
C ALA B 331 -21.10 -24.16 -14.85
N VAL B 332 -21.78 -23.14 -14.32
CA VAL B 332 -21.46 -22.61 -13.01
C VAL B 332 -22.52 -22.99 -11.97
N GLY B 333 -23.77 -23.19 -12.40
CA GLY B 333 -24.81 -23.68 -11.52
C GLY B 333 -24.89 -25.19 -11.41
N SER B 334 -24.11 -25.91 -12.22
CA SER B 334 -24.02 -27.36 -12.12
C SER B 334 -22.66 -27.83 -11.65
N ILE B 335 -21.66 -26.94 -11.61
CA ILE B 335 -20.40 -27.26 -10.95
C ILE B 335 -20.50 -26.99 -9.45
N SER B 336 -21.47 -26.19 -9.03
CA SER B 336 -21.73 -25.99 -7.61
C SER B 336 -22.53 -27.15 -7.03
N PHE B 337 -23.68 -27.44 -7.64
CA PHE B 337 -24.50 -28.57 -7.18
C PHE B 337 -23.68 -29.84 -7.02
N LEU B 338 -22.59 -29.98 -7.77
CA LEU B 338 -21.70 -31.12 -7.58
C LEU B 338 -20.71 -30.85 -6.46
N LEU B 339 -19.94 -29.77 -6.57
CA LEU B 339 -19.01 -29.41 -5.50
C LEU B 339 -19.71 -29.29 -4.16
N GLY B 340 -21.00 -28.98 -4.17
CA GLY B 340 -21.76 -28.97 -2.93
C GLY B 340 -22.04 -30.35 -2.41
N VAL B 341 -22.07 -31.35 -3.30
CA VAL B 341 -22.30 -32.72 -2.87
C VAL B 341 -21.00 -33.36 -2.39
N VAL B 342 -19.97 -33.35 -3.24
CA VAL B 342 -18.66 -33.88 -2.86
C VAL B 342 -18.24 -33.29 -1.51
N LEU B 343 -18.28 -31.97 -1.39
CA LEU B 343 -17.97 -31.33 -0.12
C LEU B 343 -19.03 -31.58 0.95
N LEU B 344 -20.03 -32.40 0.64
CA LEU B 344 -20.99 -32.87 1.64
C LEU B 344 -20.87 -34.35 1.92
N VAL B 345 -20.07 -35.07 1.13
CA VAL B 345 -19.84 -36.50 1.35
C VAL B 345 -18.47 -36.69 1.98
N ILE B 346 -17.54 -35.79 1.65
CA ILE B 346 -16.22 -35.85 2.29
C ILE B 346 -16.30 -35.32 3.71
N ASN B 347 -17.03 -34.22 3.92
CA ASN B 347 -17.33 -33.73 5.25
C ASN B 347 -18.49 -34.48 5.90
N HIS B 348 -18.90 -35.60 5.31
CA HIS B 348 -19.96 -36.43 5.87
C HIS B 348 -19.42 -37.65 6.61
N LYS B 349 -18.17 -38.04 6.34
CA LYS B 349 -17.55 -39.14 7.07
C LYS B 349 -17.65 -38.91 8.58
N TYR B 350 -17.42 -37.67 9.02
CA TYR B 350 -17.43 -37.33 10.43
C TYR B 350 -18.84 -37.02 10.91
MG MG C . 17.93 0.08 35.92
C P5S D . -0.70 7.13 -10.55
N P5S D . 0.38 5.38 -9.24
O P5S D . -1.25 8.20 -10.41
C1 P5S D . -3.68 11.02 -5.06
C2 P5S D . -3.35 9.63 -4.53
C3 P5S D . -2.83 8.74 -5.66
CA P5S D . -0.91 6.03 -9.55
CB P5S D . -1.55 6.57 -8.27
OG P5S D . -2.84 7.09 -8.58
P12 P5S D . -3.97 7.16 -7.44
O13 P5S D . -5.31 7.05 -8.06
O15 P5S D . -3.76 5.94 -6.41
O16 P5S D . -3.86 8.55 -6.63
C17 P5S D . -4.05 12.11 -7.28
O18 P5S D . -4.60 13.05 -6.74
O19 P5S D . -3.50 11.04 -6.46
C20 P5S D . -3.94 12.02 -8.78
C21 P5S D . -4.68 13.19 -9.42
C22 P5S D . -4.60 13.08 -10.94
C23 P5S D . -4.95 14.39 -11.63
C24 P5S D . -5.50 14.15 -13.04
C25 P5S D . -4.55 13.31 -13.88
C26 P5S D . -5.08 13.07 -15.29
C27 P5S D . -6.44 12.37 -15.28
C28 P5S D . -7.58 13.35 -15.58
C29 P5S D . -8.80 13.08 -14.71
C30 P5S D . -9.98 13.94 -15.18
C31 P5S D . -11.29 13.47 -14.59
C32 P5S D . -11.35 13.62 -13.08
C33 P5S D . -12.79 13.54 -12.60
C34 P5S D . -12.92 13.82 -11.11
C35 P5S D . -14.39 13.83 -10.70
C36 P5S D . -14.58 14.33 -9.29
O37 P5S D . -4.53 9.04 -3.99
C38 P5S D . -4.55 9.03 -2.53
C39 P5S D . -5.27 7.94 -1.79
C40 P5S D . -6.03 8.50 -0.60
C41 P5S D . -6.49 7.38 0.32
C42 P5S D . -7.25 7.92 1.53
C43 P5S D . -8.76 7.94 1.33
C44 P5S D . -9.28 9.33 1.02
C45 P5S D . -10.80 9.32 0.90
C46 P5S D . -11.29 10.36 -0.10
O47 P5S D . -3.95 9.90 -1.92
C48 P5S D . -12.81 10.51 -0.06
C49 P5S D . -13.52 9.19 -0.31
C50 P5S D . -15.02 9.38 -0.46
C51 P5S D . -15.73 8.04 -0.48
C52 P5S D . -17.23 8.18 -0.27
C53 P5S D . -17.73 7.11 0.69
C54 P5S D . -19.20 7.32 1.03
C55 P5S D . -19.47 7.05 2.50
C56 P5S D . -19.08 5.65 2.89
OXT P5S D . 0.09 6.93 -11.59
HN P5S D . 0.78 4.99 -10.11
HNA P5S D . 0.22 4.62 -8.56
H1 P5S D . -4.71 11.28 -4.81
H1A P5S D . -3.02 11.76 -4.59
H2 P5S D . -2.58 9.71 -3.77
H3 P5S D . -2.52 7.78 -5.26
H3A P5S D . -1.96 9.22 -6.13
HA P5S D . -1.59 5.29 -9.97
HB P5S D . -1.64 5.77 -7.54
HBA P5S D . -0.93 7.36 -7.85
HO15 P5S D . -3.70 5.04 -6.75
H20 P5S D . -4.37 11.08 -9.13
H20A P5S D . -2.90 12.04 -9.07
H21 P5S D . -4.24 14.13 -9.10
H21A P5S D . -5.73 13.19 -9.11
H22 P5S D . -5.28 12.29 -11.29
H22A P5S D . -3.59 12.79 -11.23
H23 P5S D . -5.70 14.91 -11.04
H23A P5S D . -4.07 15.02 -11.69
H24 P5S D . -5.67 15.12 -13.52
H24A P5S D . -6.47 13.66 -12.95
H25 P5S D . -4.39 12.34 -13.41
H25A P5S D . -3.59 13.82 -13.95
H26 P5S D . -4.37 12.46 -15.84
H26A P5S D . -5.16 14.03 -15.82
H27 P5S D . -6.60 11.91 -14.31
H27A P5S D . -6.43 11.58 -16.04
H28 P5S D . -7.86 13.26 -16.63
H28A P5S D . -7.25 14.37 -15.41
H29 P5S D . -9.07 12.02 -14.77
H29A P5S D . -8.58 13.31 -13.67
H30 P5S D . -10.03 13.91 -16.26
H30A P5S D . -9.80 14.97 -14.88
H31 P5S D . -12.11 14.04 -15.04
H31A P5S D . -11.45 12.41 -14.85
H32 P5S D . -10.92 14.58 -12.79
H32A P5S D . -10.76 12.84 -12.60
H33 P5S D . -13.19 12.55 -12.81
H33A P5S D . -13.40 14.27 -13.15
H34 P5S D . -12.47 14.78 -10.87
H34A P5S D . -12.40 13.05 -10.54
H35 P5S D . -14.94 14.48 -11.39
H35A P5S D . -14.80 12.82 -10.80
H36 P5S D . -15.62 14.29 -9.04
H36A P5S D . -14.24 15.33 -9.22
H36B P5S D . -14.03 13.72 -8.62
H39 P5S D . -5.96 7.45 -2.47
H39A P5S D . -4.56 7.18 -1.45
H40 P5S D . -5.38 9.18 -0.05
H40A P5S D . -6.89 9.07 -0.96
H41 P5S D . -5.62 6.81 0.66
H41A P5S D . -7.13 6.70 -0.25
H42 P5S D . -6.90 8.93 1.75
H42A P5S D . -7.01 7.29 2.39
H43 P5S D . -9.04 7.26 0.51
H43A P5S D . -9.25 7.57 2.23
H44 P5S D . -8.83 9.70 0.09
H44A P5S D . -8.99 10.01 1.83
H45 P5S D . -11.11 8.33 0.57
H45A P5S D . -11.24 9.51 1.88
H46 P5S D . -10.82 11.32 0.12
H46A P5S D . -10.99 10.06 -1.11
H48 P5S D . -13.10 10.89 0.92
H48A P5S D . -13.12 11.23 -0.81
H49 P5S D . -13.33 8.51 0.52
H49A P5S D . -13.12 8.73 -1.21
H50 P5S D . -15.40 9.98 0.36
H50A P5S D . -15.23 9.92 -1.39
H51 P5S D . -15.31 7.39 0.30
H51A P5S D . -15.55 7.55 -1.44
H52 P5S D . -17.44 9.17 0.14
H52A P5S D . -17.74 8.08 -1.23
H53 P5S D . -17.14 7.14 1.60
H53A P5S D . -17.60 6.14 0.24
H54 P5S D . -19.81 6.65 0.43
H54A P5S D . -19.49 8.34 0.80
H55 P5S D . -20.54 7.19 2.70
H55A P5S D . -18.92 7.77 3.11
H56 P5S D . -19.53 4.96 2.25
H56A P5S D . -18.02 5.55 2.83
H56B P5S D . -19.38 5.46 3.89
HXT P5S D . -0.26 6.20 -12.13
C1 NAG E . -19.26 6.57 -50.07
C2 NAG E . -18.93 7.80 -50.89
C3 NAG E . -17.53 7.70 -51.44
C4 NAG E . -16.55 7.47 -50.29
C5 NAG E . -16.98 6.28 -49.45
C6 NAG E . -16.07 6.13 -48.23
C7 NAG E . -21.16 8.20 -51.72
C8 NAG E . -21.41 9.05 -50.52
N2 NAG E . -19.90 7.91 -51.97
O3 NAG E . -17.19 8.92 -52.11
O4 NAG E . -15.27 7.18 -50.86
O5 NAG E . -18.32 6.43 -49.00
O6 NAG E . -14.71 6.24 -48.64
O7 NAG E . -22.07 7.79 -52.43
C1 NAG F . -12.59 7.25 -50.44
C2 NAG F . -11.43 7.21 -51.41
C3 NAG F . -10.92 8.63 -51.66
C4 NAG F . -12.07 9.47 -52.18
C5 NAG F . -13.22 9.43 -51.20
C6 NAG F . -14.41 10.21 -51.76
C7 NAG F . -10.70 5.37 -50.05
C8 NAG F . -10.33 5.60 -48.61
N2 NAG F . -10.39 6.35 -50.88
O3 NAG F . -9.86 8.59 -52.62
O4 NAG F . -11.63 10.82 -52.34
O5 NAG F . -13.63 8.08 -50.94
O6 NAG F . -13.96 11.49 -52.21
O7 NAG F . -11.27 4.35 -50.42
O3 AH2 G . -8.84 14.50 -54.91
C4 AH2 G . -8.59 12.14 -55.40
C5 AH2 G . -8.58 11.16 -54.24
O4 AH2 G . -9.00 11.47 -56.59
C6 AH2 G . -7.52 10.08 -54.44
O5 AH2 G . -8.31 11.87 -53.05
O6 AH2 G . -7.78 9.38 -55.66
C3 AH2 G . -9.57 13.27 -55.09
C2 AH2 G . -10.35 12.94 -53.83
O2 AH2 G . -11.23 14.03 -53.51
C1 AH2 G . -9.43 12.67 -52.64
C1 NAG H . -32.75 -5.14 -56.40
C2 NAG H . -33.51 -4.19 -57.33
C3 NAG H . -32.58 -3.59 -58.37
C4 NAG H . -31.98 -4.69 -59.23
C5 NAG H . -31.80 -5.95 -58.40
C6 NAG H . -30.67 -6.82 -58.92
C7 NAG H . -35.86 -4.47 -57.83
C8 NAG H . -36.90 -5.29 -58.54
N2 NAG H . -34.60 -4.86 -58.00
O3 NAG H . -31.53 -2.85 -57.72
O4 NAG H . -32.86 -4.97 -60.33
O5 NAG H . -31.54 -5.57 -57.05
O6 NAG H . -31.09 -7.44 -60.14
O7 NAG H . -36.15 -3.50 -57.15
C1 NAG I . -30.77 -15.73 -58.16
C2 NAG I . -30.49 -15.76 -59.66
C3 NAG I . -31.44 -14.87 -60.45
C4 NAG I . -32.87 -15.16 -60.05
C5 NAG I . -33.02 -14.99 -58.55
C6 NAG I . -34.46 -15.22 -58.10
C7 NAG I . -28.10 -16.08 -59.43
C8 NAG I . -28.32 -17.55 -59.32
N2 NAG I . -29.12 -15.36 -59.89
O3 NAG I . -31.26 -15.10 -61.84
O5 NAG I . -32.16 -15.92 -57.87
O6 NAG I . -34.74 -16.62 -58.07
O7 NAG I . -27.05 -15.56 -59.08
#